data_2IV0
#
_entry.id   2IV0
#
_cell.length_a   81.611
_cell.length_b   65.405
_cell.length_c   87.181
_cell.angle_alpha   90.00
_cell.angle_beta   95.28
_cell.angle_gamma   90.00
#
_symmetry.space_group_name_H-M   'P 1 21 1'
#
loop_
_entity.id
_entity.type
_entity.pdbx_description
1 polymer 'ISOCITRATE DEHYDROGENASE'
2 non-polymer 'ZINC ION'
3 non-polymer 'CHLORIDE ION'
4 water water
#
_entity_poly.entity_id   1
_entity_poly.type   'polypeptide(L)'
_entity_poly.pdbx_seq_one_letter_code
;MQYEKVKPPENGEKIRYENGKLIVPDNPIIPYFEGDGIGKDVVPAAIRVLDAAADKIGKEVVWFQVYAGEDAYKLYGNYL
PDDTLNAIKEFRVALKGPLTTPVGGGYRSLNVTIRQVLDLYANVRPVYYLKGVPSPIKHPEKVNFVIFRENTEDVYAGIE
WPRGSEEALKLIRFLKNEFGVTIREDSGIGIKPISEFATKRLVRMAIRYAIENNRKSVTLVHKGNIMKYTEGAFRDWGYE
VAKQEFGEYCITEDELWDKYGGKQPEGKIVVKDRIADNMFQQILTRTDEYDVIALPNLNGDYLSDAAAALIGGLGIAPGS
NIGDGIGVFEPVHGSAPKYAGQNKVNPTAEILTGALMFEYIGWKDASEMIKKAVEMTISSGIVTYDIHRHMGGTKVGTRE
FAEAVVENLQSL
;
_entity_poly.pdbx_strand_id   A,B
#
# COMPACT_ATOMS: atom_id res chain seq x y z
N MET A 1 -27.26 -28.01 -19.82
CA MET A 1 -26.38 -28.34 -18.67
C MET A 1 -27.01 -29.40 -17.73
N GLN A 2 -26.24 -30.33 -17.19
CA GLN A 2 -26.83 -31.34 -16.29
C GLN A 2 -26.67 -31.02 -14.80
N TYR A 3 -27.59 -31.45 -13.97
CA TYR A 3 -27.45 -31.21 -12.53
C TYR A 3 -27.56 -32.46 -11.71
N GLU A 4 -26.51 -32.79 -10.99
CA GLU A 4 -26.52 -34.00 -10.18
C GLU A 4 -27.50 -33.95 -9.00
N LYS A 5 -27.30 -32.99 -8.07
CA LYS A 5 -28.15 -33.07 -6.88
C LYS A 5 -29.15 -31.88 -6.69
N VAL A 6 -29.29 -31.03 -7.76
CA VAL A 6 -30.15 -29.82 -7.81
C VAL A 6 -30.73 -29.63 -9.15
N LYS A 7 -31.72 -28.84 -9.07
CA LYS A 7 -32.47 -28.52 -10.21
C LYS A 7 -32.65 -27.06 -10.32
N PRO A 8 -32.56 -26.56 -11.57
CA PRO A 8 -32.82 -25.15 -11.76
C PRO A 8 -34.32 -24.86 -11.69
N PRO A 9 -34.61 -23.60 -11.41
CA PRO A 9 -35.98 -23.20 -11.11
C PRO A 9 -36.86 -23.30 -12.32
N GLU A 10 -38.15 -23.46 -12.08
CA GLU A 10 -39.16 -23.73 -13.10
C GLU A 10 -39.39 -22.53 -14.04
N ASN A 11 -39.32 -21.31 -13.51
CA ASN A 11 -40.03 -20.14 -14.03
C ASN A 11 -39.21 -18.92 -14.50
N GLY A 12 -37.91 -19.05 -14.71
CA GLY A 12 -37.20 -17.86 -15.12
C GLY A 12 -36.65 -18.02 -16.51
N GLU A 13 -35.77 -17.11 -16.88
CA GLU A 13 -35.08 -17.11 -18.14
C GLU A 13 -33.60 -16.94 -17.87
N LYS A 14 -32.77 -17.53 -18.72
CA LYS A 14 -31.29 -17.39 -18.66
C LYS A 14 -30.91 -15.98 -19.04
N ILE A 15 -30.04 -15.33 -18.29
CA ILE A 15 -29.39 -14.18 -18.90
C ILE A 15 -28.45 -14.67 -20.03
N ARG A 16 -28.40 -13.92 -21.12
CA ARG A 16 -27.66 -14.34 -22.31
C ARG A 16 -26.44 -13.46 -22.54
N TYR A 17 -25.40 -14.05 -23.13
CA TYR A 17 -24.21 -13.29 -23.48
C TYR A 17 -23.94 -13.35 -24.97
N GLU A 18 -24.25 -12.26 -25.68
CA GLU A 18 -24.15 -12.22 -27.14
C GLU A 18 -23.54 -10.91 -27.60
N ASN A 19 -22.69 -10.99 -28.64
CA ASN A 19 -21.67 -9.97 -28.91
C ASN A 19 -20.98 -9.62 -27.60
N GLY A 20 -20.76 -8.35 -27.31
CA GLY A 20 -20.07 -8.06 -26.06
C GLY A 20 -21.04 -7.95 -24.92
N LYS A 21 -22.24 -8.51 -25.06
CA LYS A 21 -23.31 -8.05 -24.17
C LYS A 21 -24.08 -9.08 -23.40
N LEU A 22 -24.34 -8.75 -22.14
CA LEU A 22 -25.40 -9.38 -21.35
C LEU A 22 -26.80 -9.01 -21.87
N ILE A 23 -27.66 -9.99 -21.97
CA ILE A 23 -29.04 -9.76 -22.35
C ILE A 23 -29.84 -10.36 -21.20
N VAL A 24 -30.47 -9.47 -20.48
CA VAL A 24 -31.01 -9.70 -19.17
C VAL A 24 -32.48 -9.54 -19.32
N PRO A 25 -33.26 -10.59 -19.09
CA PRO A 25 -34.71 -10.43 -19.06
C PRO A 25 -35.23 -9.76 -17.75
N ASP A 26 -36.55 -9.58 -17.67
CA ASP A 26 -37.24 -9.15 -16.43
C ASP A 26 -37.12 -10.16 -15.29
N ASN A 27 -37.11 -11.46 -15.64
CA ASN A 27 -37.07 -12.56 -14.67
C ASN A 27 -35.81 -13.47 -14.72
N PRO A 28 -34.60 -12.90 -14.57
CA PRO A 28 -33.39 -13.74 -14.73
C PRO A 28 -33.27 -14.82 -13.68
N ILE A 29 -32.86 -16.02 -14.05
CA ILE A 29 -32.54 -16.89 -12.97
C ILE A 29 -31.09 -16.59 -12.49
N ILE A 30 -30.93 -16.34 -11.18
CA ILE A 30 -29.61 -16.14 -10.69
C ILE A 30 -29.28 -17.07 -9.54
N PRO A 31 -28.19 -17.87 -9.67
CA PRO A 31 -27.72 -18.80 -8.68
C PRO A 31 -27.10 -18.06 -7.55
N TYR A 32 -27.13 -18.63 -6.36
CA TYR A 32 -26.50 -18.07 -5.20
C TYR A 32 -26.14 -19.22 -4.29
N PHE A 33 -25.29 -18.97 -3.32
CA PHE A 33 -25.10 -19.92 -2.29
C PHE A 33 -24.75 -19.23 -0.98
N GLU A 34 -25.27 -19.78 0.11
CA GLU A 34 -25.12 -19.15 1.40
C GLU A 34 -23.66 -19.11 1.83
N GLY A 35 -22.90 -20.16 1.55
CA GLY A 35 -21.51 -20.26 1.99
C GLY A 35 -21.45 -20.62 3.47
N ASP A 36 -20.31 -20.40 4.10
CA ASP A 36 -20.11 -20.80 5.50
C ASP A 36 -20.50 -19.74 6.52
N GLY A 37 -20.75 -20.23 7.75
CA GLY A 37 -21.01 -19.42 8.94
C GLY A 37 -21.94 -18.24 8.76
N ILE A 38 -21.33 -17.05 8.72
CA ILE A 38 -22.01 -15.75 8.54
C ILE A 38 -22.89 -15.70 7.28
N GLY A 39 -22.51 -16.50 6.31
CA GLY A 39 -23.28 -16.68 5.09
C GLY A 39 -24.74 -17.06 5.25
N LYS A 40 -25.05 -17.95 6.19
CA LYS A 40 -26.46 -18.32 6.45
C LYS A 40 -27.33 -17.12 6.93
N ASP A 41 -26.70 -16.06 7.44
CA ASP A 41 -27.37 -14.82 7.84
C ASP A 41 -27.47 -13.73 6.76
N VAL A 42 -26.34 -13.28 6.28
CA VAL A 42 -26.30 -12.10 5.36
C VAL A 42 -26.80 -12.35 3.92
N VAL A 43 -26.64 -13.56 3.42
CA VAL A 43 -27.15 -13.86 2.10
C VAL A 43 -28.65 -13.77 2.07
N PRO A 44 -29.40 -14.48 2.95
CA PRO A 44 -30.86 -14.30 3.01
C PRO A 44 -31.31 -12.83 3.15
N ALA A 45 -30.62 -12.08 4.00
CA ALA A 45 -30.91 -10.65 4.18
C ALA A 45 -30.71 -9.84 2.88
N ALA A 46 -29.60 -10.07 2.21
CA ALA A 46 -29.38 -9.39 0.97
C ALA A 46 -30.49 -9.76 -0.02
N ILE A 47 -30.95 -11.02 0.01
CA ILE A 47 -31.97 -11.48 -0.88
C ILE A 47 -33.27 -10.73 -0.65
N ARG A 48 -33.63 -10.51 0.62
CA ARG A 48 -34.83 -9.77 1.00
C ARG A 48 -34.76 -8.38 0.41
N VAL A 49 -33.60 -7.74 0.50
CA VAL A 49 -33.47 -6.40 -0.04
C VAL A 49 -33.50 -6.36 -1.58
N LEU A 50 -32.84 -7.32 -2.20
CA LEU A 50 -32.82 -7.35 -3.65
C LEU A 50 -34.19 -7.66 -4.25
N ASP A 51 -34.96 -8.55 -3.62
CA ASP A 51 -36.34 -8.81 -4.05
C ASP A 51 -37.19 -7.54 -4.01
N ALA A 52 -37.01 -6.70 -3.01
CA ALA A 52 -37.84 -5.49 -2.89
C ALA A 52 -37.43 -4.42 -3.97
N ALA A 53 -36.13 -4.35 -4.23
CA ALA A 53 -35.56 -3.45 -5.21
C ALA A 53 -36.01 -3.87 -6.60
N ALA A 54 -35.95 -5.17 -6.91
CA ALA A 54 -36.36 -5.69 -8.25
C ALA A 54 -37.86 -5.45 -8.50
N ASP A 55 -38.67 -5.80 -7.50
CA ASP A 55 -40.11 -5.63 -7.58
C ASP A 55 -40.46 -4.17 -7.82
N LYS A 56 -39.85 -3.27 -7.06
CA LYS A 56 -40.21 -1.88 -7.18
C LYS A 56 -39.93 -1.40 -8.63
N ILE A 57 -38.95 -2.00 -9.26
CA ILE A 57 -38.51 -1.61 -10.59
C ILE A 57 -39.13 -2.46 -11.72
N GLY A 58 -39.99 -3.43 -11.40
CA GLY A 58 -40.69 -4.24 -12.39
C GLY A 58 -39.96 -5.49 -12.84
N LYS A 59 -39.11 -5.99 -11.98
CA LYS A 59 -38.25 -7.09 -12.28
C LYS A 59 -38.42 -8.22 -11.24
N GLU A 60 -37.86 -9.38 -11.53
CA GLU A 60 -37.85 -10.46 -10.57
C GLU A 60 -36.60 -11.34 -10.72
N VAL A 61 -35.94 -11.60 -9.61
CA VAL A 61 -34.88 -12.56 -9.61
C VAL A 61 -35.48 -13.92 -9.31
N VAL A 62 -35.32 -14.86 -10.22
CA VAL A 62 -35.66 -16.22 -9.90
C VAL A 62 -34.35 -16.85 -9.41
N TRP A 63 -34.25 -16.93 -8.09
CA TRP A 63 -33.08 -17.50 -7.37
C TRP A 63 -32.90 -19.00 -7.54
N PHE A 64 -31.66 -19.44 -7.61
CA PHE A 64 -31.37 -20.85 -7.81
C PHE A 64 -30.37 -21.25 -6.75
N GLN A 65 -30.82 -22.03 -5.80
CA GLN A 65 -29.97 -22.35 -4.69
C GLN A 65 -28.97 -23.46 -5.03
N VAL A 66 -27.70 -23.17 -4.82
CA VAL A 66 -26.64 -24.17 -4.98
C VAL A 66 -25.77 -24.06 -3.73
N TYR A 67 -24.77 -24.91 -3.60
CA TYR A 67 -24.04 -25.09 -2.35
C TYR A 67 -22.54 -25.09 -2.51
N ALA A 68 -21.86 -24.60 -1.49
CA ALA A 68 -20.40 -24.65 -1.38
C ALA A 68 -20.02 -24.62 0.10
N GLY A 69 -18.83 -25.10 0.40
CA GLY A 69 -18.37 -25.20 1.78
C GLY A 69 -19.00 -26.40 2.48
N GLU A 70 -19.08 -26.36 3.80
CA GLU A 70 -19.59 -27.48 4.56
C GLU A 70 -20.87 -28.11 4.03
N ASP A 71 -21.92 -27.28 3.88
CA ASP A 71 -23.23 -27.70 3.31
C ASP A 71 -23.08 -28.56 2.07
N ALA A 72 -22.21 -28.13 1.17
CA ALA A 72 -21.85 -28.90 0.01
C ALA A 72 -21.18 -30.24 0.42
N TYR A 73 -20.09 -30.17 1.20
CA TYR A 73 -19.45 -31.37 1.71
C TYR A 73 -20.44 -32.42 2.26
N LYS A 74 -21.37 -32.05 3.13
CA LYS A 74 -22.35 -33.02 3.63
C LYS A 74 -23.21 -33.53 2.50
N LEU A 75 -23.68 -32.63 1.65
CA LEU A 75 -24.60 -33.02 0.57
C LEU A 75 -23.92 -33.78 -0.56
N TYR A 76 -22.66 -33.47 -0.86
CA TYR A 76 -22.00 -33.93 -2.08
C TYR A 76 -20.66 -34.66 -1.86
N GLY A 77 -20.07 -34.54 -0.66
CA GLY A 77 -18.69 -34.96 -0.43
C GLY A 77 -17.64 -34.06 -1.09
N ASN A 78 -18.07 -32.89 -1.57
CA ASN A 78 -17.20 -31.99 -2.32
C ASN A 78 -17.49 -30.57 -1.81
N TYR A 79 -16.51 -29.93 -1.20
CA TYR A 79 -16.67 -28.53 -0.82
C TYR A 79 -17.12 -27.58 -1.96
N LEU A 80 -16.83 -27.94 -3.22
CA LEU A 80 -17.19 -27.07 -4.37
C LEU A 80 -17.68 -27.85 -5.58
N PRO A 81 -18.92 -28.38 -5.51
CA PRO A 81 -19.43 -29.41 -6.40
C PRO A 81 -19.58 -28.93 -7.83
N ASP A 82 -19.80 -29.85 -8.74
CA ASP A 82 -19.93 -29.54 -10.16
C ASP A 82 -21.15 -28.69 -10.42
N ASP A 83 -22.29 -28.99 -9.76
CA ASP A 83 -23.45 -28.19 -10.12
C ASP A 83 -23.38 -26.71 -9.85
N THR A 84 -22.66 -26.36 -8.77
CA THR A 84 -22.42 -24.99 -8.40
C THR A 84 -21.63 -24.25 -9.48
N LEU A 85 -20.51 -24.85 -9.89
CA LEU A 85 -19.68 -24.27 -10.95
C LEU A 85 -20.46 -24.15 -12.24
N ASN A 86 -21.22 -25.20 -12.56
CA ASN A 86 -22.05 -25.22 -13.76
C ASN A 86 -23.20 -24.22 -13.75
N ALA A 87 -23.87 -24.08 -12.60
CA ALA A 87 -24.97 -23.10 -12.48
C ALA A 87 -24.43 -21.73 -12.85
N ILE A 88 -23.28 -21.35 -12.31
CA ILE A 88 -22.70 -20.05 -12.68
C ILE A 88 -22.37 -19.99 -14.18
N LYS A 89 -21.86 -21.10 -14.71
CA LYS A 89 -21.47 -21.15 -16.11
C LYS A 89 -22.72 -20.96 -17.01
N GLU A 90 -23.82 -21.63 -16.67
CA GLU A 90 -25.05 -21.55 -17.44
C GLU A 90 -25.73 -20.21 -17.24
N PHE A 91 -25.93 -19.81 -15.99
CA PHE A 91 -26.74 -18.62 -15.68
C PHE A 91 -25.96 -17.29 -15.54
N ARG A 92 -24.63 -17.38 -15.56
CA ARG A 92 -23.74 -16.24 -15.85
C ARG A 92 -23.40 -15.28 -14.73
N VAL A 93 -24.20 -15.28 -13.67
CA VAL A 93 -24.06 -14.29 -12.61
C VAL A 93 -24.58 -14.92 -11.34
N ALA A 94 -23.85 -14.76 -10.26
CA ALA A 94 -24.12 -15.49 -9.04
C ALA A 94 -23.79 -14.59 -7.87
N LEU A 95 -24.55 -14.73 -6.80
CA LEU A 95 -24.24 -14.03 -5.57
C LEU A 95 -23.80 -15.06 -4.52
N LYS A 96 -22.73 -14.78 -3.80
CA LYS A 96 -22.23 -15.78 -2.89
C LYS A 96 -21.95 -15.23 -1.54
N GLY A 97 -22.10 -16.07 -0.53
CA GLY A 97 -21.58 -15.77 0.78
C GLY A 97 -20.12 -16.14 0.81
N PRO A 98 -19.45 -15.92 1.95
CA PRO A 98 -18.03 -16.26 2.10
C PRO A 98 -17.77 -17.76 2.30
N LEU A 99 -16.55 -18.20 2.09
CA LEU A 99 -16.23 -19.61 2.26
C LEU A 99 -14.98 -19.81 3.08
N THR A 100 -15.09 -20.55 4.17
CA THR A 100 -13.91 -20.97 4.88
C THR A 100 -13.22 -21.99 4.02
N THR A 101 -11.98 -21.68 3.68
CA THR A 101 -11.09 -22.66 3.12
C THR A 101 -10.80 -23.75 4.17
N PRO A 102 -11.07 -25.02 3.84
CA PRO A 102 -11.07 -26.08 4.83
C PRO A 102 -9.66 -26.57 5.19
N VAL A 103 -9.54 -27.37 6.26
CA VAL A 103 -8.24 -27.83 6.83
C VAL A 103 -7.08 -28.18 5.85
N GLY A 104 -6.26 -27.17 5.51
CA GLY A 104 -4.94 -27.38 4.87
C GLY A 104 -4.85 -27.46 3.34
N GLY A 105 -5.12 -26.33 2.68
CA GLY A 105 -5.17 -26.24 1.19
C GLY A 105 -5.00 -24.84 0.60
N GLY A 106 -4.93 -24.75 -0.74
CA GLY A 106 -4.43 -23.55 -1.49
C GLY A 106 -4.80 -22.09 -1.16
N TYR A 107 -4.94 -21.79 0.14
CA TYR A 107 -5.18 -20.44 0.79
C TYR A 107 -6.58 -19.76 0.98
N ARG A 108 -6.95 -18.79 0.14
CA ARG A 108 -8.40 -18.49 -0.03
C ARG A 108 -8.97 -19.46 -1.13
N SER A 109 -8.62 -20.75 -1.01
CA SER A 109 -8.58 -21.70 -2.13
C SER A 109 -9.89 -21.98 -2.85
N LEU A 110 -10.98 -22.16 -2.10
CA LEU A 110 -12.29 -22.32 -2.75
C LEU A 110 -12.58 -21.14 -3.64
N ASN A 111 -12.39 -19.93 -3.11
CA ASN A 111 -12.59 -18.71 -3.93
C ASN A 111 -11.62 -18.64 -5.08
N VAL A 112 -10.40 -19.13 -4.85
CA VAL A 112 -9.40 -19.21 -5.90
C VAL A 112 -9.80 -20.19 -7.01
N THR A 113 -10.21 -21.41 -6.67
CA THR A 113 -10.60 -22.33 -7.76
C THR A 113 -11.80 -21.79 -8.52
N ILE A 114 -12.75 -21.20 -7.81
CA ILE A 114 -13.89 -20.59 -8.48
C ILE A 114 -13.40 -19.64 -9.57
N ARG A 115 -12.49 -18.74 -9.26
CA ARG A 115 -12.12 -17.80 -10.29
C ARG A 115 -11.23 -18.40 -11.37
N GLN A 116 -10.56 -19.50 -11.07
CA GLN A 116 -9.78 -20.16 -12.10
C GLN A 116 -10.61 -20.93 -13.10
N VAL A 117 -11.47 -21.84 -12.63
CA VAL A 117 -12.29 -22.59 -13.59
C VAL A 117 -13.19 -21.66 -14.37
N LEU A 118 -13.67 -20.59 -13.73
CA LEU A 118 -14.64 -19.76 -14.43
C LEU A 118 -13.95 -18.62 -15.15
N ASP A 119 -12.63 -18.59 -15.04
CA ASP A 119 -11.77 -17.53 -15.58
C ASP A 119 -12.20 -16.10 -15.23
N LEU A 120 -12.38 -15.81 -13.95
CA LEU A 120 -12.79 -14.48 -13.54
C LEU A 120 -11.53 -13.68 -13.31
N TYR A 121 -11.08 -12.92 -14.28
CA TYR A 121 -9.75 -12.33 -14.24
C TYR A 121 -9.68 -10.94 -13.58
N ALA A 122 -10.81 -10.27 -13.37
CA ALA A 122 -10.79 -8.96 -12.75
C ALA A 122 -11.43 -9.01 -11.37
N ASN A 123 -10.78 -8.41 -10.40
CA ASN A 123 -11.47 -8.22 -9.17
C ASN A 123 -11.88 -6.75 -9.15
N VAL A 124 -13.16 -6.50 -8.92
CA VAL A 124 -13.70 -5.15 -9.03
C VAL A 124 -14.33 -4.77 -7.70
N ARG A 125 -13.94 -3.61 -7.19
CA ARG A 125 -14.38 -3.12 -5.88
C ARG A 125 -14.77 -1.68 -5.94
N PRO A 126 -16.05 -1.40 -5.73
CA PRO A 126 -16.53 -0.07 -5.54
C PRO A 126 -16.20 0.36 -4.14
N VAL A 127 -15.79 1.62 -3.98
CA VAL A 127 -15.47 2.22 -2.72
C VAL A 127 -16.18 3.58 -2.65
N TYR A 128 -17.09 3.68 -1.69
CA TYR A 128 -17.89 4.87 -1.54
C TYR A 128 -18.39 4.99 -0.13
N TYR A 129 -18.76 6.19 0.24
CA TYR A 129 -19.10 6.48 1.63
C TYR A 129 -20.60 6.49 1.81
N LEU A 130 -21.05 5.93 2.92
CA LEU A 130 -22.46 5.92 3.31
C LEU A 130 -22.52 6.74 4.58
N LYS A 131 -23.34 7.79 4.60
CA LYS A 131 -23.37 8.70 5.75
C LYS A 131 -23.77 7.83 6.89
N GLY A 132 -23.18 8.07 8.06
CA GLY A 132 -23.57 7.40 9.25
C GLY A 132 -22.61 6.27 9.55
N VAL A 133 -21.67 6.00 8.63
CA VAL A 133 -20.64 5.04 8.92
C VAL A 133 -19.44 5.75 9.53
N PRO A 134 -18.91 5.24 10.65
CA PRO A 134 -17.73 5.91 11.23
C PRO A 134 -16.58 5.93 10.21
N SER A 135 -15.83 7.02 10.21
CA SER A 135 -14.74 7.18 9.29
C SER A 135 -13.57 7.87 9.99
N PRO A 136 -12.34 7.41 9.74
CA PRO A 136 -11.24 8.05 10.42
C PRO A 136 -10.86 9.37 9.79
N ILE A 137 -11.40 9.66 8.61
CA ILE A 137 -10.93 10.87 7.91
C ILE A 137 -11.95 12.03 7.94
N LYS A 138 -11.51 13.22 7.48
CA LYS A 138 -12.25 14.46 7.53
C LYS A 138 -13.28 14.60 6.41
N HIS A 139 -13.00 14.12 5.21
CA HIS A 139 -13.96 14.24 4.13
C HIS A 139 -14.32 12.90 3.49
N PRO A 140 -14.97 12.02 4.24
CA PRO A 140 -15.17 10.71 3.63
C PRO A 140 -16.05 10.78 2.39
N GLU A 141 -17.03 11.68 2.38
CA GLU A 141 -18.02 11.70 1.28
C GLU A 141 -17.39 12.01 -0.08
N LYS A 142 -16.13 12.43 -0.12
CA LYS A 142 -15.43 12.64 -1.39
C LYS A 142 -14.98 11.32 -2.06
N VAL A 143 -14.97 10.25 -1.27
CA VAL A 143 -14.53 8.94 -1.75
C VAL A 143 -15.61 8.26 -2.60
N ASN A 144 -15.28 8.10 -3.88
CA ASN A 144 -16.14 7.46 -4.87
C ASN A 144 -15.26 6.83 -5.97
N PHE A 145 -14.72 5.64 -5.70
CA PHE A 145 -13.82 4.96 -6.63
C PHE A 145 -14.42 3.63 -7.05
N VAL A 146 -14.00 3.16 -8.22
CA VAL A 146 -14.11 1.76 -8.50
C VAL A 146 -12.75 1.28 -8.93
N ILE A 147 -12.30 0.27 -8.21
CA ILE A 147 -10.97 -0.25 -8.37
C ILE A 147 -11.02 -1.55 -9.19
N PHE A 148 -10.27 -1.59 -10.27
CA PHE A 148 -10.13 -2.79 -11.11
C PHE A 148 -8.77 -3.40 -10.89
N ARG A 149 -8.69 -4.54 -10.22
CA ARG A 149 -7.39 -5.18 -10.01
C ARG A 149 -7.24 -6.49 -10.81
N GLU A 150 -6.15 -6.53 -11.59
CA GLU A 150 -5.79 -7.72 -12.36
C GLU A 150 -5.51 -8.80 -11.34
N ASN A 151 -6.16 -9.94 -11.50
CA ASN A 151 -6.25 -10.92 -10.44
C ASN A 151 -5.70 -12.29 -10.86
N THR A 152 -4.79 -12.33 -11.82
CA THR A 152 -4.27 -13.64 -12.32
C THR A 152 -2.75 -13.77 -12.30
N GLU A 153 -2.03 -12.64 -12.41
CA GLU A 153 -0.54 -12.64 -12.45
C GLU A 153 0.06 -11.90 -11.27
N ASP A 154 1.27 -11.37 -11.47
CA ASP A 154 2.03 -10.64 -10.44
C ASP A 154 2.59 -11.65 -9.41
N VAL A 155 3.26 -11.15 -8.37
CA VAL A 155 3.77 -12.03 -7.31
C VAL A 155 2.69 -12.86 -6.62
N TYR A 156 1.45 -12.39 -6.67
CA TYR A 156 0.30 -13.11 -6.10
C TYR A 156 -0.02 -14.44 -6.81
N ALA A 157 0.55 -14.68 -7.98
CA ALA A 157 0.38 -15.96 -8.68
C ALA A 157 1.20 -17.15 -8.10
N GLY A 158 1.94 -16.92 -7.01
CA GLY A 158 2.65 -17.97 -6.30
C GLY A 158 3.67 -18.81 -7.09
N ILE A 159 4.43 -18.20 -8.00
CA ILE A 159 5.55 -18.90 -8.60
C ILE A 159 6.76 -18.54 -7.77
N GLU A 160 7.29 -19.51 -7.04
CA GLU A 160 8.03 -19.21 -5.83
C GLU A 160 8.64 -20.49 -5.22
N TRP A 161 9.82 -20.39 -4.62
CA TRP A 161 10.55 -21.58 -4.12
C TRP A 161 11.28 -21.18 -2.85
N PRO A 162 11.24 -22.04 -1.81
CA PRO A 162 11.91 -21.81 -0.53
C PRO A 162 13.44 -21.73 -0.63
N ARG A 163 14.07 -21.06 0.33
CA ARG A 163 15.52 -21.00 0.42
C ARG A 163 16.11 -22.44 0.43
N GLY A 164 17.20 -22.60 -0.30
CA GLY A 164 17.91 -23.88 -0.34
C GLY A 164 17.19 -25.09 -0.89
N SER A 165 16.00 -24.92 -1.48
CA SER A 165 15.37 -26.05 -2.19
C SER A 165 16.05 -26.20 -3.54
N GLU A 166 16.13 -27.43 -4.05
CA GLU A 166 16.82 -27.64 -5.33
C GLU A 166 16.29 -26.70 -6.42
N GLU A 167 14.96 -26.57 -6.48
CA GLU A 167 14.28 -25.69 -7.42
C GLU A 167 14.83 -24.26 -7.32
N ALA A 168 14.99 -23.74 -6.10
CA ALA A 168 15.52 -22.38 -5.87
C ALA A 168 16.99 -22.24 -6.21
N LEU A 169 17.81 -23.19 -5.75
CA LEU A 169 19.24 -23.14 -6.01
C LEU A 169 19.58 -23.20 -7.51
N LYS A 170 18.81 -24.00 -8.25
CA LYS A 170 18.94 -24.14 -9.70
C LYS A 170 18.51 -22.85 -10.43
N LEU A 171 17.56 -22.14 -9.85
CA LEU A 171 17.11 -20.90 -10.46
C LEU A 171 18.17 -19.84 -10.21
N ILE A 172 18.73 -19.83 -9.00
CA ILE A 172 19.72 -18.82 -8.59
C ILE A 172 20.97 -18.98 -9.44
N ARG A 173 21.39 -20.23 -9.61
CA ARG A 173 22.62 -20.49 -10.33
C ARG A 173 22.46 -20.11 -11.77
N PHE A 174 21.30 -20.42 -12.32
CA PHE A 174 21.00 -20.11 -13.69
C PHE A 174 21.11 -18.60 -13.93
N LEU A 175 20.47 -17.80 -13.09
CA LEU A 175 20.59 -16.34 -13.15
C LEU A 175 22.03 -15.81 -13.02
N LYS A 176 22.89 -16.52 -12.30
CA LYS A 176 24.26 -16.08 -12.11
C LYS A 176 25.08 -16.31 -13.39
N ASN A 177 24.95 -17.51 -13.96
CA ASN A 177 25.70 -18.00 -15.12
C ASN A 177 25.14 -17.60 -16.48
N GLU A 178 23.88 -17.16 -16.51
CA GLU A 178 23.29 -16.75 -17.78
C GLU A 178 23.16 -15.25 -17.88
N PHE A 179 22.80 -14.57 -16.79
CA PHE A 179 22.59 -13.12 -16.84
C PHE A 179 23.56 -12.28 -16.01
N GLY A 180 24.43 -12.94 -15.25
CA GLY A 180 25.46 -12.25 -14.47
C GLY A 180 24.86 -11.55 -13.27
N VAL A 181 23.70 -12.03 -12.86
CA VAL A 181 22.99 -11.54 -11.67
C VAL A 181 23.35 -12.42 -10.46
N THR A 182 23.94 -11.83 -9.42
CA THR A 182 24.29 -12.58 -8.21
C THR A 182 23.17 -12.47 -7.19
N ILE A 183 22.44 -13.56 -6.96
CA ILE A 183 21.44 -13.61 -5.91
C ILE A 183 22.09 -14.38 -4.81
N ARG A 184 22.00 -13.91 -3.57
CA ARG A 184 22.41 -14.70 -2.41
C ARG A 184 21.68 -16.06 -2.35
N GLU A 185 22.38 -17.11 -2.00
CA GLU A 185 21.74 -18.44 -1.98
C GLU A 185 20.83 -18.74 -0.76
N ASP A 186 21.04 -18.02 0.35
CA ASP A 186 20.09 -18.04 1.48
C ASP A 186 18.82 -17.23 1.16
N SER A 187 18.40 -17.26 -0.11
CA SER A 187 17.21 -16.53 -0.53
C SER A 187 16.12 -17.49 -0.95
N GLY A 188 14.88 -17.15 -0.59
CA GLY A 188 13.67 -17.69 -1.22
C GLY A 188 13.46 -16.83 -2.44
N ILE A 189 12.79 -17.36 -3.45
CA ILE A 189 12.77 -16.66 -4.71
C ILE A 189 11.41 -16.73 -5.33
N GLY A 190 10.82 -15.56 -5.59
CA GLY A 190 9.60 -15.47 -6.34
C GLY A 190 9.80 -14.89 -7.73
N ILE A 191 8.78 -15.03 -8.56
CA ILE A 191 8.84 -14.39 -9.84
C ILE A 191 7.56 -13.59 -10.13
N LYS A 192 7.76 -12.43 -10.75
CA LYS A 192 6.70 -11.45 -11.02
C LYS A 192 6.46 -11.27 -12.53
N PRO A 193 5.55 -12.08 -13.09
CA PRO A 193 5.27 -11.97 -14.51
C PRO A 193 4.11 -11.04 -14.73
N ILE A 194 4.19 -10.17 -15.75
CA ILE A 194 3.12 -9.27 -16.15
C ILE A 194 3.04 -9.31 -17.68
N SER A 195 1.91 -9.75 -18.22
CA SER A 195 1.81 -9.98 -19.64
C SER A 195 0.91 -8.97 -20.31
N GLU A 196 1.12 -8.74 -21.60
CA GLU A 196 0.22 -7.95 -22.45
C GLU A 196 -1.21 -8.38 -22.31
N PHE A 197 -1.46 -9.66 -22.57
CA PHE A 197 -2.80 -10.22 -22.53
C PHE A 197 -3.55 -9.84 -21.25
N ALA A 198 -2.99 -10.21 -20.10
CA ALA A 198 -3.73 -10.03 -18.85
C ALA A 198 -4.02 -8.55 -18.67
N THR A 199 -2.99 -7.72 -18.85
CA THR A 199 -3.11 -6.28 -18.65
C THR A 199 -4.14 -5.64 -19.56
N LYS A 200 -4.18 -6.05 -20.82
CA LYS A 200 -5.06 -5.35 -21.73
C LYS A 200 -6.51 -5.76 -21.48
N ARG A 201 -6.70 -6.96 -20.97
CA ARG A 201 -8.01 -7.43 -20.57
C ARG A 201 -8.55 -6.59 -19.37
N LEU A 202 -7.68 -6.37 -18.39
CA LEU A 202 -8.10 -5.60 -17.24
C LEU A 202 -8.41 -4.15 -17.64
N VAL A 203 -7.49 -3.49 -18.35
CA VAL A 203 -7.64 -2.06 -18.67
C VAL A 203 -8.83 -1.82 -19.58
N ARG A 204 -9.06 -2.73 -20.49
CA ARG A 204 -10.16 -2.64 -21.42
C ARG A 204 -11.46 -2.52 -20.64
N MET A 205 -11.76 -3.53 -19.84
CA MET A 205 -12.91 -3.56 -18.94
C MET A 205 -13.05 -2.31 -18.04
N ALA A 206 -12.00 -1.91 -17.33
CA ALA A 206 -12.00 -0.61 -16.60
C ALA A 206 -12.44 0.61 -17.47
N ILE A 207 -11.97 0.68 -18.71
CA ILE A 207 -12.26 1.86 -19.52
C ILE A 207 -13.71 1.78 -20.05
N ARG A 208 -14.13 0.59 -20.46
CA ARG A 208 -15.56 0.26 -20.76
C ARG A 208 -16.50 0.63 -19.64
N TYR A 209 -16.15 0.19 -18.44
CA TYR A 209 -16.91 0.55 -17.27
C TYR A 209 -17.05 2.05 -17.10
N ALA A 210 -15.97 2.81 -17.35
CA ALA A 210 -15.99 4.27 -17.19
C ALA A 210 -16.86 4.97 -18.24
N ILE A 211 -16.86 4.38 -19.43
CA ILE A 211 -17.70 4.87 -20.52
C ILE A 211 -19.17 4.60 -20.19
N GLU A 212 -19.48 3.36 -19.85
CA GLU A 212 -20.86 2.93 -19.64
C GLU A 212 -21.49 3.62 -18.41
N ASN A 213 -20.66 4.11 -17.49
CA ASN A 213 -21.17 4.65 -16.25
C ASN A 213 -20.77 6.11 -16.04
N ASN A 214 -20.40 6.77 -17.13
CA ASN A 214 -19.90 8.15 -17.07
C ASN A 214 -18.98 8.48 -15.89
N ARG A 215 -17.86 7.81 -15.81
CA ARG A 215 -16.89 8.22 -14.83
C ARG A 215 -15.91 9.15 -15.53
N LYS A 216 -15.39 10.15 -14.82
CA LYS A 216 -14.51 11.16 -15.43
C LYS A 216 -13.10 10.68 -15.79
N SER A 217 -12.58 9.67 -15.10
CA SER A 217 -11.18 9.27 -15.34
C SER A 217 -10.92 7.80 -15.12
N VAL A 218 -9.83 7.31 -15.69
CA VAL A 218 -9.24 6.00 -15.39
C VAL A 218 -7.78 6.27 -14.98
N THR A 219 -7.40 5.95 -13.75
CA THR A 219 -6.02 6.12 -13.31
C THR A 219 -5.31 4.77 -13.37
N LEU A 220 -4.17 4.72 -14.05
CA LEU A 220 -3.31 3.54 -14.04
C LEU A 220 -2.32 3.67 -12.91
N VAL A 221 -2.31 2.67 -12.04
CA VAL A 221 -1.44 2.74 -10.90
C VAL A 221 -0.35 1.69 -10.99
N HIS A 222 0.88 2.13 -10.79
CA HIS A 222 2.05 1.32 -11.04
C HIS A 222 3.30 1.88 -10.27
N LYS A 223 4.34 1.06 -10.19
CA LYS A 223 5.60 1.46 -9.57
C LYS A 223 6.65 1.22 -10.68
N GLY A 224 6.31 1.72 -11.87
CA GLY A 224 7.13 1.57 -13.05
C GLY A 224 8.36 2.45 -13.08
N ASN A 225 8.50 3.40 -12.14
CA ASN A 225 9.79 4.11 -12.00
C ASN A 225 10.89 3.14 -11.57
N ILE A 226 10.56 2.20 -10.68
CA ILE A 226 11.54 1.25 -10.18
C ILE A 226 11.51 -0.08 -10.92
N MET A 227 10.33 -0.49 -11.39
CA MET A 227 10.15 -1.78 -12.10
C MET A 227 9.73 -1.62 -13.55
N LYS A 228 10.69 -1.19 -14.36
CA LYS A 228 10.46 -0.75 -15.73
C LYS A 228 9.69 -1.79 -16.54
N TYR A 229 10.01 -3.06 -16.39
CA TYR A 229 9.54 -4.06 -17.35
C TYR A 229 8.34 -4.87 -16.90
N THR A 230 7.89 -4.63 -15.69
CA THR A 230 6.69 -5.28 -15.25
C THR A 230 5.60 -4.20 -15.08
N GLU A 231 5.69 -3.40 -14.00
CA GLU A 231 4.73 -2.31 -13.74
C GLU A 231 4.77 -1.28 -14.84
N GLY A 232 6.00 -0.87 -15.19
CA GLY A 232 6.21 0.03 -16.32
C GLY A 232 5.52 -0.49 -17.56
N ALA A 233 5.59 -1.81 -17.79
CA ALA A 233 4.91 -2.39 -18.94
C ALA A 233 3.39 -2.29 -18.77
N PHE A 234 2.91 -2.44 -17.52
CA PHE A 234 1.47 -2.34 -17.23
C PHE A 234 1.04 -0.94 -17.65
N ARG A 235 1.75 0.08 -17.16
CA ARG A 235 1.48 1.47 -17.55
C ARG A 235 1.31 1.56 -19.08
N ASP A 236 2.38 1.29 -19.83
CA ASP A 236 2.39 1.47 -21.27
C ASP A 236 1.38 0.65 -22.06
N TRP A 237 1.16 -0.59 -21.68
CA TRP A 237 0.08 -1.38 -22.26
C TRP A 237 -1.30 -0.81 -22.03
N GLY A 238 -1.53 -0.25 -20.84
CA GLY A 238 -2.78 0.45 -20.52
C GLY A 238 -2.99 1.69 -21.41
N TYR A 239 -1.94 2.51 -21.55
CA TYR A 239 -1.97 3.63 -22.52
C TYR A 239 -2.24 3.19 -23.94
N GLU A 240 -1.63 2.09 -24.38
CA GLU A 240 -1.92 1.57 -25.71
C GLU A 240 -3.38 1.19 -25.87
N VAL A 241 -3.98 0.51 -24.88
CA VAL A 241 -5.42 0.21 -24.92
C VAL A 241 -6.26 1.48 -25.04
N ALA A 242 -5.94 2.50 -24.23
CA ALA A 242 -6.59 3.83 -24.30
C ALA A 242 -6.57 4.44 -25.69
N LYS A 243 -5.37 4.68 -26.23
CA LYS A 243 -5.20 5.35 -27.50
C LYS A 243 -5.66 4.51 -28.67
N GLN A 244 -5.38 3.21 -28.64
CA GLN A 244 -5.60 2.36 -29.83
C GLN A 244 -6.98 1.70 -29.90
N GLU A 245 -7.66 1.62 -28.78
CA GLU A 245 -8.94 0.95 -28.77
C GLU A 245 -10.10 1.86 -28.37
N PHE A 246 -9.79 2.97 -27.70
CA PHE A 246 -10.80 3.88 -27.17
C PHE A 246 -10.46 5.35 -27.47
N GLY A 247 -9.76 5.57 -28.59
CA GLY A 247 -9.40 6.89 -29.09
C GLY A 247 -10.46 7.97 -29.12
N GLU A 248 -11.69 7.63 -29.49
CA GLU A 248 -12.79 8.63 -29.48
C GLU A 248 -13.16 9.17 -28.07
N TYR A 249 -12.83 8.43 -26.99
CA TYR A 249 -13.21 8.82 -25.64
C TYR A 249 -12.07 9.29 -24.78
N CYS A 250 -10.88 8.74 -25.00
CA CYS A 250 -9.81 8.84 -24.02
C CYS A 250 -8.84 9.92 -24.41
N ILE A 251 -8.64 10.85 -23.48
CA ILE A 251 -7.61 11.87 -23.59
C ILE A 251 -6.63 11.68 -22.44
N THR A 252 -5.36 11.95 -22.73
CA THR A 252 -4.31 12.03 -21.71
C THR A 252 -4.43 13.37 -20.99
N GLU A 253 -3.76 13.50 -19.84
CA GLU A 253 -3.63 14.78 -19.13
C GLU A 253 -3.05 15.93 -19.97
N ASP A 254 -1.98 15.67 -20.71
CA ASP A 254 -1.46 16.62 -21.68
C ASP A 254 -2.55 17.10 -22.64
N GLU A 255 -3.36 16.17 -23.17
CA GLU A 255 -4.44 16.56 -24.11
C GLU A 255 -5.46 17.45 -23.43
N LEU A 256 -5.81 17.11 -22.18
CA LEU A 256 -6.76 17.89 -21.38
C LEU A 256 -6.37 19.35 -21.27
N TRP A 257 -5.10 19.59 -21.00
CA TRP A 257 -4.62 20.95 -20.94
C TRP A 257 -4.37 21.62 -22.29
N ASP A 258 -3.77 20.89 -23.24
CA ASP A 258 -3.53 21.45 -24.57
C ASP A 258 -4.84 21.72 -25.30
N LYS A 259 -5.66 20.69 -25.41
CA LYS A 259 -6.81 20.72 -26.29
C LYS A 259 -8.04 21.42 -25.68
N TYR A 260 -8.27 21.25 -24.38
CA TYR A 260 -9.50 21.76 -23.77
C TYR A 260 -9.28 22.77 -22.65
N GLY A 261 -8.06 23.28 -22.53
CA GLY A 261 -7.70 24.23 -21.48
C GLY A 261 -7.94 23.80 -20.04
N GLY A 262 -7.92 22.49 -19.78
CA GLY A 262 -8.10 21.98 -18.41
C GLY A 262 -9.56 21.71 -18.00
N LYS A 263 -10.52 22.03 -18.87
CA LYS A 263 -11.92 21.71 -18.60
C LYS A 263 -12.07 20.19 -18.54
N GLN A 264 -12.92 19.62 -19.37
CA GLN A 264 -13.17 18.19 -19.35
C GLN A 264 -14.47 18.20 -20.12
N PRO A 265 -14.38 18.05 -21.45
CA PRO A 265 -15.65 18.02 -22.17
C PRO A 265 -16.41 16.80 -21.67
N GLU A 266 -17.74 16.90 -21.63
CA GLU A 266 -18.54 15.77 -21.21
C GLU A 266 -18.36 14.66 -22.24
N GLY A 267 -18.24 13.43 -21.78
CA GLY A 267 -17.98 12.33 -22.71
C GLY A 267 -16.52 11.94 -22.94
N LYS A 268 -15.58 12.84 -22.65
CA LYS A 268 -14.17 12.45 -22.67
C LYS A 268 -13.75 11.83 -21.35
N ILE A 269 -12.98 10.75 -21.41
CA ILE A 269 -12.44 10.11 -20.20
C ILE A 269 -10.97 10.43 -20.12
N VAL A 270 -10.54 11.07 -19.04
CA VAL A 270 -9.11 11.30 -18.85
C VAL A 270 -8.39 10.03 -18.43
N VAL A 271 -7.41 9.60 -19.22
CA VAL A 271 -6.62 8.45 -18.83
C VAL A 271 -5.27 8.94 -18.38
N LYS A 272 -4.95 8.67 -17.15
CA LYS A 272 -3.76 9.20 -16.56
C LYS A 272 -3.06 8.13 -15.76
N ASP A 273 -1.84 8.40 -15.32
CA ASP A 273 -1.15 7.39 -14.53
C ASP A 273 -0.49 7.92 -13.28
N ARG A 274 -0.38 7.05 -12.28
CA ARG A 274 0.28 7.46 -11.04
C ARG A 274 1.06 6.39 -10.32
N ILE A 275 2.04 6.85 -9.55
CA ILE A 275 3.01 5.98 -8.99
C ILE A 275 2.34 5.40 -7.75
N ALA A 276 2.40 4.07 -7.62
CA ALA A 276 1.66 3.32 -6.62
C ALA A 276 1.91 3.81 -5.21
N ASP A 277 3.17 4.02 -4.84
CA ASP A 277 3.41 4.47 -3.47
C ASP A 277 2.90 5.89 -3.18
N ASN A 278 2.72 6.69 -4.22
CA ASN A 278 2.20 8.05 -4.12
C ASN A 278 0.68 8.03 -3.95
N MET A 279 0.07 6.86 -4.14
CA MET A 279 -1.35 6.79 -4.27
C MET A 279 -2.11 6.87 -2.93
N PHE A 280 -1.45 6.45 -1.85
CA PHE A 280 -2.03 6.53 -0.52
C PHE A 280 -2.25 7.98 -0.06
N GLN A 281 -1.36 8.91 -0.45
CA GLN A 281 -1.53 10.36 -0.18
C GLN A 281 -2.69 10.79 -0.98
N GLN A 282 -2.56 10.56 -2.30
CA GLN A 282 -3.51 11.01 -3.28
C GLN A 282 -4.94 10.71 -2.89
N ILE A 283 -5.22 9.48 -2.44
CA ILE A 283 -6.59 9.12 -2.11
C ILE A 283 -7.04 9.84 -0.83
N LEU A 284 -6.12 10.41 -0.09
CA LEU A 284 -6.50 11.14 1.12
C LEU A 284 -6.58 12.66 0.96
N THR A 285 -5.79 13.23 0.04
CA THR A 285 -5.75 14.67 -0.10
C THR A 285 -6.31 15.17 -1.43
N ARG A 286 -6.36 14.32 -2.46
CA ARG A 286 -6.85 14.71 -3.77
C ARG A 286 -7.95 13.74 -4.16
N THR A 287 -8.66 13.27 -3.14
CA THR A 287 -9.59 12.19 -3.28
C THR A 287 -10.64 12.39 -4.36
N ASP A 288 -11.07 13.61 -4.61
CA ASP A 288 -12.07 13.90 -5.65
C ASP A 288 -11.50 13.83 -7.08
N GLU A 289 -10.19 13.74 -7.23
CA GLU A 289 -9.57 13.62 -8.55
C GLU A 289 -9.50 12.18 -9.10
N TYR A 290 -9.94 11.19 -8.32
CA TYR A 290 -9.87 9.77 -8.75
C TYR A 290 -11.25 9.13 -8.87
N ASP A 291 -11.43 8.32 -9.90
CA ASP A 291 -12.69 7.62 -10.09
C ASP A 291 -12.50 6.11 -10.35
N VAL A 292 -12.21 5.81 -11.61
CA VAL A 292 -11.94 4.48 -11.99
C VAL A 292 -10.40 4.29 -11.86
N ILE A 293 -10.00 3.29 -11.09
CA ILE A 293 -8.58 2.95 -10.89
C ILE A 293 -8.34 1.53 -11.39
N ALA A 294 -7.29 1.40 -12.24
CA ALA A 294 -6.86 0.12 -12.81
C ALA A 294 -5.41 -0.20 -12.38
N LEU A 295 -5.23 -1.35 -11.74
CA LEU A 295 -3.96 -1.71 -11.11
C LEU A 295 -3.66 -3.16 -11.41
N PRO A 296 -2.37 -3.54 -11.28
CA PRO A 296 -1.95 -4.95 -11.19
C PRO A 296 -2.28 -5.53 -9.83
N ASN A 297 -2.14 -6.83 -9.75
CA ASN A 297 -2.65 -7.63 -8.64
C ASN A 297 -2.29 -7.09 -7.26
N LEU A 298 -1.00 -6.97 -6.93
CA LEU A 298 -0.59 -6.55 -5.58
C LEU A 298 -0.93 -5.09 -5.24
N ASN A 299 -0.64 -4.14 -6.15
CA ASN A 299 -1.07 -2.75 -5.93
C ASN A 299 -2.58 -2.66 -5.77
N GLY A 300 -3.32 -3.42 -6.57
CA GLY A 300 -4.79 -3.45 -6.50
C GLY A 300 -5.35 -3.84 -5.13
N ASP A 301 -4.71 -4.82 -4.51
CA ASP A 301 -5.09 -5.32 -3.21
C ASP A 301 -4.83 -4.31 -2.06
N TYR A 302 -3.58 -3.84 -1.97
CA TYR A 302 -3.16 -2.83 -1.00
C TYR A 302 -3.98 -1.55 -1.13
N LEU A 303 -4.14 -1.09 -2.37
CA LEU A 303 -4.82 0.17 -2.58
C LEU A 303 -6.30 0.07 -2.25
N SER A 304 -6.96 -0.97 -2.69
CA SER A 304 -8.37 -1.10 -2.43
C SER A 304 -8.61 -1.33 -0.94
N ASP A 305 -7.72 -2.02 -0.25
CA ASP A 305 -7.89 -2.14 1.23
C ASP A 305 -7.69 -0.81 1.92
N ALA A 306 -6.71 -0.07 1.42
CA ALA A 306 -6.43 1.22 1.98
C ALA A 306 -7.57 2.15 1.63
N ALA A 307 -8.31 1.89 0.56
CA ALA A 307 -9.39 2.80 0.26
C ALA A 307 -10.60 2.47 1.14
N ALA A 308 -10.94 1.18 1.25
CA ALA A 308 -11.97 0.74 2.15
C ALA A 308 -11.74 1.28 3.56
N ALA A 309 -10.46 1.48 3.93
CA ALA A 309 -10.17 1.93 5.29
C ALA A 309 -10.61 3.37 5.54
N LEU A 310 -10.67 4.18 4.48
CA LEU A 310 -11.11 5.60 4.58
C LEU A 310 -12.59 5.74 4.90
N ILE A 311 -13.35 4.70 4.60
CA ILE A 311 -14.79 4.75 4.38
C ILE A 311 -15.57 3.84 5.31
N GLY A 312 -14.89 3.22 6.28
CA GLY A 312 -15.63 2.38 7.19
C GLY A 312 -15.11 0.96 7.30
N GLY A 313 -14.27 0.57 6.35
CA GLY A 313 -13.51 -0.66 6.52
C GLY A 313 -13.92 -1.83 5.65
N LEU A 314 -13.15 -2.90 5.81
CA LEU A 314 -13.30 -4.08 4.99
C LEU A 314 -14.60 -4.81 5.34
N GLY A 315 -15.07 -4.64 6.57
CA GLY A 315 -16.32 -5.24 7.05
C GLY A 315 -17.57 -4.81 6.28
N ILE A 316 -17.44 -3.92 5.33
CA ILE A 316 -18.63 -3.33 4.76
C ILE A 316 -18.50 -3.29 3.28
N ALA A 317 -17.38 -3.83 2.80
CA ALA A 317 -16.92 -3.70 1.41
C ALA A 317 -17.61 -4.72 0.47
N PRO A 318 -18.33 -4.21 -0.56
CA PRO A 318 -18.90 -5.10 -1.60
C PRO A 318 -17.79 -5.54 -2.50
N GLY A 319 -17.91 -6.74 -3.07
CA GLY A 319 -16.88 -7.23 -4.00
C GLY A 319 -17.41 -8.03 -5.16
N SER A 320 -16.55 -8.20 -6.14
CA SER A 320 -16.94 -8.72 -7.44
C SER A 320 -15.74 -9.43 -7.99
N ASN A 321 -15.93 -10.63 -8.52
CA ASN A 321 -14.97 -11.18 -9.45
C ASN A 321 -15.55 -11.39 -10.82
N ILE A 322 -14.91 -10.82 -11.83
CA ILE A 322 -15.53 -10.69 -13.15
C ILE A 322 -14.69 -11.20 -14.33
N GLY A 323 -15.38 -11.74 -15.32
CA GLY A 323 -14.77 -12.27 -16.53
C GLY A 323 -15.49 -11.74 -17.72
N ASP A 324 -15.46 -12.46 -18.83
CA ASP A 324 -16.12 -11.96 -20.05
C ASP A 324 -17.55 -12.40 -19.99
N GLY A 325 -18.45 -11.45 -19.76
CA GLY A 325 -19.86 -11.79 -19.60
C GLY A 325 -20.14 -12.81 -18.50
N ILE A 326 -19.36 -12.73 -17.42
CA ILE A 326 -19.61 -13.61 -16.29
C ILE A 326 -19.15 -12.92 -15.00
N GLY A 327 -19.89 -13.11 -13.92
CA GLY A 327 -19.56 -12.42 -12.69
C GLY A 327 -20.07 -13.15 -11.48
N VAL A 328 -19.27 -13.09 -10.43
CA VAL A 328 -19.59 -13.72 -9.17
C VAL A 328 -19.39 -12.61 -8.15
N PHE A 329 -20.45 -12.31 -7.39
CA PHE A 329 -20.45 -11.19 -6.48
C PHE A 329 -20.44 -11.68 -5.05
N GLU A 330 -19.40 -11.28 -4.31
CA GLU A 330 -19.17 -11.70 -2.93
C GLU A 330 -18.79 -10.51 -2.09
N PRO A 331 -19.09 -10.53 -0.79
CA PRO A 331 -18.54 -9.48 0.02
C PRO A 331 -17.04 -9.77 0.19
N VAL A 332 -16.32 -8.76 0.61
CA VAL A 332 -14.91 -8.94 0.89
C VAL A 332 -14.60 -9.73 2.19
N HIS A 333 -15.37 -9.52 3.27
CA HIS A 333 -15.18 -10.25 4.56
C HIS A 333 -15.27 -11.79 4.48
N GLY A 334 -14.72 -12.44 5.52
CA GLY A 334 -14.73 -13.89 5.65
C GLY A 334 -16.01 -14.34 6.33
N SER A 335 -16.04 -15.59 6.76
CA SER A 335 -17.27 -16.22 7.22
C SER A 335 -17.51 -16.09 8.73
N ALA A 336 -16.49 -15.54 9.42
CA ALA A 336 -16.45 -15.36 10.88
C ALA A 336 -17.34 -16.37 11.58
N PRO A 337 -16.89 -17.64 11.61
CA PRO A 337 -17.52 -18.71 12.39
C PRO A 337 -18.23 -18.22 13.66
N LYS A 338 -17.46 -17.72 14.64
CA LYS A 338 -18.00 -17.30 15.95
C LYS A 338 -18.95 -16.12 15.85
N TYR A 339 -20.21 -16.40 15.49
CA TYR A 339 -21.31 -15.45 15.29
C TYR A 339 -22.40 -16.11 14.47
N ALA A 340 -22.04 -17.22 13.82
CA ALA A 340 -22.96 -18.02 13.01
C ALA A 340 -24.29 -18.28 13.69
N GLY A 341 -25.39 -17.90 13.04
CA GLY A 341 -26.73 -18.18 13.54
C GLY A 341 -27.30 -17.14 14.50
N GLN A 342 -26.45 -16.23 14.99
CA GLN A 342 -26.85 -15.34 16.09
C GLN A 342 -27.79 -14.21 15.69
N ASN A 343 -27.96 -14.00 14.38
CA ASN A 343 -28.73 -12.87 13.82
C ASN A 343 -28.07 -11.54 14.21
N LYS A 344 -26.75 -11.55 14.29
CA LYS A 344 -25.93 -10.43 14.76
C LYS A 344 -25.15 -9.65 13.68
N VAL A 345 -24.54 -10.38 12.75
CA VAL A 345 -23.58 -9.77 11.83
C VAL A 345 -24.25 -8.72 10.92
N ASN A 346 -23.44 -7.80 10.42
CA ASN A 346 -23.88 -6.73 9.54
C ASN A 346 -24.06 -7.24 8.11
N PRO A 347 -25.29 -7.20 7.57
CA PRO A 347 -25.42 -7.68 6.17
C PRO A 347 -25.17 -6.63 5.11
N THR A 348 -24.76 -5.42 5.51
CA THR A 348 -24.55 -4.30 4.55
C THR A 348 -23.66 -4.70 3.37
N ALA A 349 -22.52 -5.33 3.67
CA ALA A 349 -21.63 -5.84 2.63
C ALA A 349 -22.33 -6.78 1.62
N GLU A 350 -23.12 -7.77 2.07
CA GLU A 350 -23.84 -8.61 1.07
C GLU A 350 -24.80 -7.72 0.29
N ILE A 351 -25.60 -6.95 1.04
CA ILE A 351 -26.58 -6.08 0.46
C ILE A 351 -25.91 -5.25 -0.64
N LEU A 352 -24.83 -4.56 -0.30
CA LEU A 352 -24.10 -3.74 -1.28
C LEU A 352 -23.52 -4.55 -2.47
N THR A 353 -23.14 -5.78 -2.20
CA THR A 353 -22.71 -6.69 -3.23
C THR A 353 -23.88 -7.03 -4.16
N GLY A 354 -25.06 -7.27 -3.58
CA GLY A 354 -26.23 -7.45 -4.40
C GLY A 354 -26.46 -6.25 -5.31
N ALA A 355 -26.28 -5.03 -4.79
CA ALA A 355 -26.37 -3.81 -5.60
C ALA A 355 -25.38 -3.80 -6.74
N LEU A 356 -24.15 -4.16 -6.45
CA LEU A 356 -23.12 -4.21 -7.46
C LEU A 356 -23.50 -5.21 -8.55
N MET A 357 -24.04 -6.36 -8.15
CA MET A 357 -24.60 -7.30 -9.09
C MET A 357 -25.74 -6.75 -9.97
N PHE A 358 -26.64 -5.97 -9.37
CA PHE A 358 -27.66 -5.28 -10.15
C PHE A 358 -27.10 -4.34 -11.22
N GLU A 359 -26.00 -3.61 -10.92
CA GLU A 359 -25.38 -2.70 -11.93
C GLU A 359 -24.88 -3.51 -13.07
N TYR A 360 -24.19 -4.60 -12.73
CA TYR A 360 -23.66 -5.51 -13.72
C TYR A 360 -24.73 -5.92 -14.73
N ILE A 361 -25.90 -6.31 -14.26
CA ILE A 361 -26.93 -6.78 -15.16
C ILE A 361 -27.78 -5.65 -15.72
N GLY A 362 -27.37 -4.41 -15.51
CA GLY A 362 -28.04 -3.28 -16.14
C GLY A 362 -29.15 -2.62 -15.36
N TRP A 363 -29.50 -3.16 -14.19
CA TRP A 363 -30.48 -2.48 -13.31
C TRP A 363 -29.87 -1.36 -12.41
N LYS A 364 -29.36 -0.32 -13.04
CA LYS A 364 -28.63 0.71 -12.33
C LYS A 364 -29.48 1.48 -11.34
N ASP A 365 -30.72 1.77 -11.72
CA ASP A 365 -31.65 2.49 -10.87
C ASP A 365 -31.97 1.67 -9.59
N ALA A 366 -32.27 0.37 -9.73
CA ALA A 366 -32.44 -0.50 -8.54
C ALA A 366 -31.18 -0.47 -7.70
N SER A 367 -30.04 -0.57 -8.37
CA SER A 367 -28.76 -0.50 -7.68
C SER A 367 -28.64 0.78 -6.84
N GLU A 368 -28.96 1.92 -7.45
CA GLU A 368 -28.92 3.20 -6.76
C GLU A 368 -29.93 3.23 -5.63
N MET A 369 -31.10 2.68 -5.87
CA MET A 369 -32.04 2.59 -4.77
C MET A 369 -31.49 1.77 -3.59
N ILE A 370 -30.78 0.65 -3.83
CA ILE A 370 -30.37 -0.10 -2.66
C ILE A 370 -29.28 0.63 -1.81
N LYS A 371 -28.34 1.30 -2.47
CA LYS A 371 -27.33 2.08 -1.74
C LYS A 371 -27.98 3.18 -0.91
N LYS A 372 -28.92 3.88 -1.53
CA LYS A 372 -29.68 4.92 -0.89
C LYS A 372 -30.40 4.40 0.35
N ALA A 373 -31.10 3.28 0.19
CA ALA A 373 -31.82 2.62 1.30
C ALA A 373 -30.92 2.30 2.47
N VAL A 374 -29.71 1.83 2.18
CA VAL A 374 -28.76 1.42 3.20
C VAL A 374 -28.30 2.66 3.99
N GLU A 375 -27.90 3.71 3.29
CA GLU A 375 -27.59 5.03 3.89
C GLU A 375 -28.64 5.54 4.86
N MET A 376 -29.88 5.65 4.37
CA MET A 376 -31.00 6.17 5.13
C MET A 376 -31.18 5.38 6.40
N THR A 377 -30.95 4.07 6.29
CA THR A 377 -31.13 3.19 7.41
C THR A 377 -30.04 3.47 8.42
N ILE A 378 -28.79 3.58 7.95
CA ILE A 378 -27.66 3.79 8.87
C ILE A 378 -27.64 5.20 9.44
N SER A 379 -27.79 6.20 8.56
CA SER A 379 -28.06 7.60 8.95
C SER A 379 -29.07 7.74 10.04
N SER A 380 -30.18 7.01 9.96
CA SER A 380 -31.23 7.04 11.00
C SER A 380 -30.70 6.56 12.32
N GLY A 381 -29.50 5.95 12.30
CA GLY A 381 -28.98 5.28 13.46
C GLY A 381 -29.61 3.91 13.70
N ILE A 382 -30.21 3.29 12.65
CA ILE A 382 -30.55 1.85 12.67
C ILE A 382 -29.33 0.99 12.24
N VAL A 383 -28.68 0.33 13.19
CA VAL A 383 -27.37 -0.26 12.93
C VAL A 383 -27.19 -1.59 13.69
N THR A 384 -26.49 -2.51 13.06
CA THR A 384 -26.10 -3.73 13.71
C THR A 384 -24.94 -3.40 14.67
N TYR A 385 -24.57 -4.36 15.51
CA TYR A 385 -23.68 -4.09 16.63
C TYR A 385 -22.30 -3.49 16.23
N ASP A 386 -21.83 -3.79 15.02
CA ASP A 386 -20.48 -3.37 14.60
C ASP A 386 -20.35 -1.86 14.49
N ILE A 387 -21.42 -1.24 14.01
CA ILE A 387 -21.43 0.20 13.85
C ILE A 387 -21.85 0.82 15.19
N HIS A 388 -22.76 0.13 15.88
CA HIS A 388 -23.23 0.52 17.21
C HIS A 388 -22.09 0.71 18.22
N ARG A 389 -21.07 -0.14 18.16
CA ARG A 389 -19.78 0.01 18.82
C ARG A 389 -19.41 1.49 18.88
N HIS A 390 -19.35 2.11 17.70
CA HIS A 390 -18.76 3.44 17.48
C HIS A 390 -19.74 4.62 17.35
N MET A 391 -20.91 4.37 16.75
CA MET A 391 -21.90 5.40 16.48
C MET A 391 -22.94 5.56 17.58
N GLY A 392 -23.24 4.50 18.31
CA GLY A 392 -24.46 4.48 19.12
C GLY A 392 -25.61 4.30 18.15
N GLY A 393 -26.84 4.46 18.63
CA GLY A 393 -27.99 4.25 17.77
C GLY A 393 -28.82 3.08 18.26
N THR A 394 -29.69 2.59 17.39
CA THR A 394 -30.51 1.44 17.70
C THR A 394 -29.81 0.16 17.23
N LYS A 395 -29.26 -0.59 18.19
CA LYS A 395 -28.76 -1.97 17.98
C LYS A 395 -29.90 -2.83 17.47
N VAL A 396 -29.68 -3.46 16.34
CA VAL A 396 -30.73 -4.18 15.68
C VAL A 396 -30.08 -5.44 15.13
N GLY A 397 -30.86 -6.51 15.02
CA GLY A 397 -30.42 -7.77 14.44
C GLY A 397 -30.20 -7.71 12.94
N THR A 398 -29.62 -8.80 12.41
CA THR A 398 -29.41 -8.94 10.98
C THR A 398 -30.72 -8.79 10.22
N ARG A 399 -31.72 -9.59 10.57
CA ARG A 399 -33.00 -9.53 9.88
C ARG A 399 -33.64 -8.14 10.03
N GLU A 400 -33.69 -7.57 11.22
CA GLU A 400 -34.39 -6.30 11.33
C GLU A 400 -33.69 -5.15 10.55
N PHE A 401 -32.38 -5.27 10.41
CA PHE A 401 -31.64 -4.35 9.57
C PHE A 401 -32.15 -4.45 8.15
N ALA A 402 -32.18 -5.67 7.60
CA ALA A 402 -32.72 -5.84 6.25
C ALA A 402 -34.18 -5.33 6.15
N GLU A 403 -35.05 -5.69 7.12
CA GLU A 403 -36.43 -5.18 7.13
C GLU A 403 -36.41 -3.64 7.02
N ALA A 404 -35.47 -3.03 7.73
CA ALA A 404 -35.37 -1.57 7.71
C ALA A 404 -34.87 -1.02 6.37
N VAL A 405 -34.01 -1.75 5.65
CA VAL A 405 -33.64 -1.17 4.38
C VAL A 405 -34.76 -1.36 3.37
N VAL A 406 -35.51 -2.46 3.48
CA VAL A 406 -36.71 -2.62 2.65
C VAL A 406 -37.66 -1.44 2.81
N GLU A 407 -38.02 -1.09 4.04
CA GLU A 407 -38.98 0.01 4.27
C GLU A 407 -38.43 1.36 3.74
N ASN A 408 -37.15 1.63 3.92
CA ASN A 408 -36.57 2.78 3.23
C ASN A 408 -36.60 2.70 1.69
N LEU A 409 -36.36 1.52 1.14
CA LEU A 409 -36.35 1.32 -0.32
C LEU A 409 -37.75 1.68 -0.87
N GLN A 410 -38.77 1.25 -0.15
CA GLN A 410 -40.12 1.49 -0.60
C GLN A 410 -40.61 2.96 -0.57
N SER A 411 -40.01 3.80 0.28
CA SER A 411 -40.43 5.19 0.37
C SER A 411 -39.89 6.04 -0.76
N LEU A 412 -38.79 5.62 -1.34
CA LEU A 412 -38.16 6.40 -2.36
C LEU A 412 -39.09 6.47 -3.57
N MET B 1 42.12 9.97 6.39
CA MET B 1 41.87 9.48 5.00
C MET B 1 42.57 10.45 4.07
N GLN B 2 42.93 10.01 2.86
CA GLN B 2 43.53 10.91 1.88
C GLN B 2 42.49 11.58 0.99
N TYR B 3 42.39 12.91 1.08
CA TYR B 3 41.35 13.66 0.37
C TYR B 3 41.88 14.45 -0.79
N GLU B 4 41.24 14.34 -1.94
CA GLU B 4 41.67 15.06 -3.15
C GLU B 4 41.43 16.58 -3.15
N LYS B 5 40.20 17.00 -3.43
CA LYS B 5 39.91 18.40 -3.74
C LYS B 5 39.17 19.11 -2.61
N VAL B 6 39.36 18.60 -1.40
CA VAL B 6 38.78 19.19 -0.21
C VAL B 6 39.38 18.47 0.95
N LYS B 7 39.76 19.21 1.97
CA LYS B 7 40.36 18.65 3.15
C LYS B 7 39.39 18.79 4.31
N PRO B 8 39.37 17.79 5.21
CA PRO B 8 38.62 17.86 6.46
C PRO B 8 38.96 19.12 7.24
N PRO B 9 38.20 19.46 8.28
CA PRO B 9 38.54 20.64 9.10
C PRO B 9 39.46 20.37 10.31
N GLU B 10 40.42 21.25 10.48
CA GLU B 10 41.42 21.19 11.55
C GLU B 10 40.78 21.13 12.96
N ASN B 11 39.52 21.54 13.07
CA ASN B 11 38.87 21.74 14.37
C ASN B 11 37.97 20.60 14.89
N GLY B 12 37.94 19.47 14.22
CA GLY B 12 36.97 18.42 14.58
C GLY B 12 37.45 17.10 15.16
N GLU B 13 36.50 16.25 15.52
CA GLU B 13 36.75 14.92 16.07
C GLU B 13 35.88 13.88 15.34
N LYS B 14 36.49 12.78 14.89
CA LYS B 14 35.78 11.66 14.27
C LYS B 14 34.80 11.07 15.24
N ILE B 15 33.69 10.55 14.71
CA ILE B 15 32.93 9.60 15.49
C ILE B 15 33.56 8.21 15.20
N ARG B 16 33.55 7.32 16.19
CA ARG B 16 34.15 6.02 16.01
C ARG B 16 33.17 4.86 16.21
N TYR B 17 33.55 3.67 15.76
CA TYR B 17 32.67 2.52 15.83
C TYR B 17 33.39 1.18 16.13
N GLU B 18 33.49 0.82 17.42
CA GLU B 18 34.08 -0.45 17.87
C GLU B 18 33.01 -1.34 18.51
N ASN B 19 33.17 -2.66 18.35
CA ASN B 19 32.16 -3.65 18.78
C ASN B 19 30.93 -3.66 17.86
N GLY B 20 30.18 -2.56 17.93
CA GLY B 20 28.83 -2.46 17.42
C GLY B 20 28.24 -1.25 18.11
N LYS B 21 29.05 -0.67 19.01
CA LYS B 21 28.77 0.57 19.72
C LYS B 21 29.45 1.76 19.00
N LEU B 22 28.72 2.88 18.90
CA LEU B 22 29.16 4.06 18.18
C LEU B 22 29.69 5.10 19.17
N ILE B 23 30.98 5.42 19.08
CA ILE B 23 31.58 6.35 20.03
C ILE B 23 31.55 7.78 19.50
N VAL B 24 30.75 8.63 20.15
CA VAL B 24 30.50 9.99 19.65
C VAL B 24 31.09 11.07 20.54
N PRO B 25 31.95 11.94 19.98
CA PRO B 25 32.50 13.13 20.62
C PRO B 25 31.48 14.18 21.11
N ASP B 26 32.02 15.35 21.48
CA ASP B 26 31.27 16.55 21.83
C ASP B 26 31.34 17.52 20.65
N ASN B 27 32.38 17.32 19.83
CA ASN B 27 32.62 18.09 18.61
C ASN B 27 32.90 17.19 17.40
N PRO B 28 31.88 16.38 17.02
CA PRO B 28 32.06 15.45 15.89
C PRO B 28 32.13 16.20 14.57
N ILE B 29 33.03 15.77 13.69
CA ILE B 29 32.97 16.28 12.34
C ILE B 29 31.93 15.46 11.57
N ILE B 30 30.97 16.17 11.00
CA ILE B 30 29.97 15.53 10.21
C ILE B 30 29.88 16.20 8.85
N PRO B 31 30.12 15.41 7.81
CA PRO B 31 30.00 15.89 6.46
C PRO B 31 28.54 16.07 6.01
N TYR B 32 28.36 16.88 4.96
CA TYR B 32 27.06 17.19 4.41
C TYR B 32 27.31 17.73 3.01
N PHE B 33 26.33 17.59 2.12
CA PHE B 33 26.37 18.29 0.85
C PHE B 33 25.01 18.87 0.56
N GLU B 34 25.00 20.05 -0.05
CA GLU B 34 23.77 20.75 -0.34
C GLU B 34 22.97 19.95 -1.37
N GLY B 35 23.67 19.41 -2.36
CA GLY B 35 23.04 18.59 -3.38
C GLY B 35 22.45 19.44 -4.47
N ASP B 36 21.30 19.06 -4.96
CA ASP B 36 20.73 19.74 -6.11
C ASP B 36 19.54 20.66 -5.76
N GLY B 37 19.29 21.61 -6.67
CA GLY B 37 18.19 22.58 -6.62
C GLY B 37 17.89 23.15 -5.26
N ILE B 38 16.75 22.71 -4.74
CA ILE B 38 16.19 23.02 -3.44
C ILE B 38 17.12 22.81 -2.26
N GLY B 39 18.13 21.97 -2.44
CA GLY B 39 19.10 21.63 -1.40
C GLY B 39 19.95 22.82 -0.98
N LYS B 40 20.24 23.70 -1.95
CA LYS B 40 21.05 24.90 -1.73
C LYS B 40 20.42 25.79 -0.65
N ASP B 41 19.09 25.67 -0.53
CA ASP B 41 18.25 26.45 0.37
C ASP B 41 17.93 25.71 1.68
N VAL B 42 17.45 24.45 1.58
CA VAL B 42 16.99 23.74 2.81
C VAL B 42 18.12 23.22 3.70
N VAL B 43 19.22 22.75 3.11
CA VAL B 43 20.30 22.29 3.98
C VAL B 43 20.94 23.43 4.81
N PRO B 44 21.37 24.57 4.18
CA PRO B 44 21.78 25.71 5.02
C PRO B 44 20.81 25.96 6.19
N ALA B 45 19.51 25.94 5.91
CA ALA B 45 18.50 26.18 6.93
C ALA B 45 18.61 25.19 8.11
N ALA B 46 18.69 23.89 7.81
CA ALA B 46 18.81 22.83 8.81
C ALA B 46 20.05 23.04 9.64
N ILE B 47 21.14 23.43 8.97
CA ILE B 47 22.40 23.70 9.65
C ILE B 47 22.22 24.75 10.74
N ARG B 48 21.71 25.93 10.37
CA ARG B 48 21.48 26.97 11.37
C ARG B 48 20.63 26.48 12.58
N VAL B 49 19.68 25.61 12.30
CA VAL B 49 18.80 25.10 13.35
C VAL B 49 19.52 24.08 14.23
N LEU B 50 20.24 23.16 13.58
CA LEU B 50 21.05 22.22 14.31
C LEU B 50 22.20 22.96 15.05
N ASP B 51 22.83 23.97 14.42
CA ASP B 51 23.82 24.78 15.15
C ASP B 51 23.25 25.20 16.50
N ALA B 52 22.08 25.84 16.50
CA ALA B 52 21.47 26.35 17.73
C ALA B 52 21.05 25.23 18.71
N ALA B 53 20.68 24.07 18.18
CA ALA B 53 20.23 22.95 19.01
C ALA B 53 21.44 22.25 19.65
N ALA B 54 22.58 22.29 18.93
CA ALA B 54 23.85 21.83 19.48
C ALA B 54 24.26 22.72 20.64
N ASP B 55 24.60 23.98 20.33
CA ASP B 55 25.05 24.97 21.31
C ASP B 55 24.03 25.24 22.41
N LYS B 56 22.88 24.57 22.33
CA LYS B 56 21.89 24.66 23.38
C LYS B 56 22.18 23.65 24.45
N ILE B 57 22.71 22.50 24.08
CA ILE B 57 23.07 21.54 25.09
C ILE B 57 24.60 21.29 25.22
N GLY B 58 25.34 22.39 25.14
CA GLY B 58 26.79 22.42 25.39
C GLY B 58 27.67 21.56 24.50
N LYS B 59 27.30 21.45 23.22
CA LYS B 59 28.08 20.68 22.25
C LYS B 59 28.22 21.52 20.97
N GLU B 60 28.99 21.02 20.00
CA GLU B 60 29.18 21.73 18.73
C GLU B 60 29.38 20.75 17.59
N VAL B 61 28.87 21.10 16.42
CA VAL B 61 29.11 20.28 15.25
C VAL B 61 30.10 21.00 14.34
N VAL B 62 31.02 20.24 13.74
CA VAL B 62 31.98 20.83 12.84
C VAL B 62 31.68 20.28 11.45
N TRP B 63 31.09 21.14 10.63
CA TRP B 63 30.56 20.72 9.33
C TRP B 63 31.68 20.57 8.30
N PHE B 64 31.59 19.52 7.48
CA PHE B 64 32.59 19.31 6.45
C PHE B 64 31.87 19.24 5.13
N GLN B 65 31.89 20.35 4.41
CA GLN B 65 31.19 20.46 3.14
C GLN B 65 31.83 19.53 2.11
N VAL B 66 31.12 18.52 1.64
CA VAL B 66 31.62 17.72 0.51
C VAL B 66 30.73 18.00 -0.69
N TYR B 67 30.86 17.25 -1.77
CA TYR B 67 30.10 17.57 -2.97
C TYR B 67 29.45 16.40 -3.68
N ALA B 68 28.30 16.68 -4.27
CA ALA B 68 27.55 15.70 -5.03
C ALA B 68 26.60 16.43 -5.95
N GLY B 69 26.38 15.84 -7.13
CA GLY B 69 25.51 16.43 -8.15
C GLY B 69 26.22 17.40 -9.06
N GLU B 70 25.51 18.43 -9.52
CA GLU B 70 26.05 19.47 -10.38
C GLU B 70 27.35 20.01 -9.82
N ASP B 71 27.30 20.46 -8.57
CA ASP B 71 28.47 20.97 -7.85
C ASP B 71 29.70 20.10 -8.06
N ALA B 72 29.47 18.80 -8.22
CA ALA B 72 30.54 17.83 -8.37
C ALA B 72 30.98 17.67 -9.81
N TYR B 73 30.02 17.56 -10.73
CA TYR B 73 30.32 17.47 -12.17
C TYR B 73 31.02 18.71 -12.66
N LYS B 74 30.76 19.82 -11.97
CA LYS B 74 31.45 21.08 -12.18
C LYS B 74 32.89 21.07 -11.62
N LEU B 75 33.16 20.22 -10.64
CA LEU B 75 34.40 20.33 -9.88
C LEU B 75 35.33 19.13 -10.06
N TYR B 76 34.77 17.93 -10.12
CA TYR B 76 35.55 16.71 -10.29
C TYR B 76 35.36 16.14 -11.68
N GLY B 77 34.32 16.58 -12.36
CA GLY B 77 33.91 16.01 -13.65
C GLY B 77 33.02 14.80 -13.42
N ASN B 78 32.59 14.63 -12.17
CA ASN B 78 31.86 13.45 -11.77
C ASN B 78 30.82 13.73 -10.68
N TYR B 79 29.64 13.10 -10.76
CA TYR B 79 28.49 13.43 -9.88
C TYR B 79 28.54 12.86 -8.47
N LEU B 80 29.37 11.86 -8.25
CA LEU B 80 29.48 11.26 -6.93
C LEU B 80 30.92 10.80 -6.71
N PRO B 81 31.78 11.75 -6.30
CA PRO B 81 33.21 11.51 -6.22
C PRO B 81 33.65 10.61 -5.05
N ASP B 82 34.87 10.08 -5.18
CA ASP B 82 35.53 9.27 -4.16
C ASP B 82 35.55 9.99 -2.81
N ASP B 83 35.95 11.26 -2.86
CA ASP B 83 36.02 12.14 -1.68
C ASP B 83 34.77 12.09 -0.80
N THR B 84 33.62 12.32 -1.41
CA THR B 84 32.34 12.38 -0.72
C THR B 84 32.10 11.04 -0.03
N LEU B 85 32.11 9.97 -0.83
CA LEU B 85 31.97 8.63 -0.31
C LEU B 85 32.94 8.38 0.83
N ASN B 86 34.21 8.68 0.58
CA ASN B 86 35.21 8.47 1.58
C ASN B 86 35.06 9.34 2.83
N ALA B 87 34.44 10.50 2.70
CA ALA B 87 34.14 11.34 3.85
C ALA B 87 33.14 10.66 4.79
N ILE B 88 32.13 10.00 4.24
CA ILE B 88 31.14 9.35 5.08
C ILE B 88 31.75 8.06 5.63
N LYS B 89 32.45 7.32 4.76
CA LYS B 89 33.19 6.12 5.16
C LYS B 89 34.03 6.44 6.40
N GLU B 90 34.73 7.58 6.40
CA GLU B 90 35.55 8.01 7.53
C GLU B 90 34.78 8.56 8.72
N PHE B 91 33.76 9.39 8.49
CA PHE B 91 33.09 10.16 9.59
C PHE B 91 31.70 9.64 10.01
N ARG B 92 31.13 8.79 9.16
CA ARG B 92 30.09 7.83 9.55
C ARG B 92 28.67 8.37 9.71
N VAL B 93 28.52 9.68 9.88
CA VAL B 93 27.22 10.28 9.65
C VAL B 93 27.36 11.47 8.72
N ALA B 94 26.42 11.58 7.80
CA ALA B 94 26.37 12.68 6.86
C ALA B 94 24.94 13.22 6.75
N LEU B 95 24.83 14.52 6.56
CA LEU B 95 23.56 15.18 6.25
C LEU B 95 23.50 15.52 4.78
N LYS B 96 22.59 14.93 4.03
CA LYS B 96 22.58 15.25 2.62
C LYS B 96 21.29 15.93 2.21
N GLY B 97 21.40 16.82 1.24
CA GLY B 97 20.24 17.33 0.52
C GLY B 97 19.95 16.44 -0.66
N PRO B 98 18.87 16.74 -1.41
CA PRO B 98 18.42 15.86 -2.50
C PRO B 98 19.27 15.91 -3.79
N LEU B 99 19.26 14.83 -4.54
CA LEU B 99 20.07 14.72 -5.74
C LEU B 99 19.21 14.63 -7.01
N THR B 100 19.77 15.04 -8.13
CA THR B 100 19.08 14.90 -9.40
C THR B 100 19.79 13.84 -10.20
N THR B 101 19.02 12.86 -10.65
CA THR B 101 19.53 11.79 -11.49
C THR B 101 19.88 12.33 -12.87
N PRO B 102 21.17 12.25 -13.24
CA PRO B 102 21.67 12.86 -14.49
C PRO B 102 21.03 12.19 -15.70
N VAL B 103 21.03 12.86 -16.85
CA VAL B 103 20.40 12.29 -18.04
C VAL B 103 21.18 11.05 -18.49
N GLY B 104 20.51 9.89 -18.41
CA GLY B 104 21.14 8.61 -18.71
C GLY B 104 20.79 7.53 -17.69
N GLY B 105 20.74 7.93 -16.41
CA GLY B 105 20.67 7.00 -15.27
C GLY B 105 19.39 6.21 -15.04
N GLY B 106 19.18 5.79 -13.79
CA GLY B 106 18.05 4.93 -13.41
C GLY B 106 17.35 5.23 -12.09
N TYR B 107 16.26 5.99 -12.18
CA TYR B 107 15.46 6.49 -11.03
C TYR B 107 16.23 7.42 -10.03
N ARG B 108 16.69 6.86 -8.90
CA ARG B 108 17.59 7.58 -7.98
C ARG B 108 18.96 6.87 -7.91
N SER B 109 19.69 6.89 -9.02
CA SER B 109 20.84 6.01 -9.14
C SER B 109 22.07 6.49 -8.32
N LEU B 110 22.15 7.78 -8.01
CA LEU B 110 23.25 8.25 -7.15
C LEU B 110 22.98 7.85 -5.71
N ASN B 111 21.72 7.89 -5.31
CA ASN B 111 21.31 7.41 -4.00
C ASN B 111 21.40 5.89 -3.90
N VAL B 112 21.10 5.20 -4.98
CA VAL B 112 21.37 3.77 -5.04
C VAL B 112 22.87 3.51 -4.73
N THR B 113 23.77 3.99 -5.57
CA THR B 113 25.19 3.67 -5.40
C THR B 113 25.76 4.13 -4.02
N ILE B 114 25.26 5.23 -3.44
CA ILE B 114 25.60 5.57 -2.03
C ILE B 114 25.26 4.44 -1.04
N ARG B 115 24.03 3.98 -0.99
CA ARG B 115 23.71 2.88 -0.08
C ARG B 115 24.50 1.60 -0.41
N GLN B 116 24.83 1.43 -1.69
CA GLN B 116 25.61 0.27 -2.10
C GLN B 116 27.05 0.31 -1.62
N VAL B 117 27.79 1.36 -1.97
CA VAL B 117 29.20 1.35 -1.60
C VAL B 117 29.36 1.49 -0.09
N LEU B 118 28.36 2.05 0.57
CA LEU B 118 28.47 2.26 2.01
C LEU B 118 27.80 1.19 2.83
N ASP B 119 27.16 0.23 2.16
CA ASP B 119 26.37 -0.83 2.82
C ASP B 119 25.29 -0.29 3.79
N LEU B 120 24.52 0.70 3.36
CA LEU B 120 23.34 1.17 4.11
C LEU B 120 22.16 0.24 3.82
N TYR B 121 21.88 -0.70 4.71
CA TYR B 121 20.88 -1.71 4.38
C TYR B 121 19.46 -1.42 4.87
N ALA B 122 19.30 -0.37 5.69
CA ALA B 122 18.04 -0.12 6.32
C ALA B 122 17.61 1.32 6.03
N ASN B 123 16.37 1.47 5.58
CA ASN B 123 15.78 2.78 5.43
C ASN B 123 14.95 2.96 6.68
N VAL B 124 15.27 3.97 7.49
CA VAL B 124 14.61 4.14 8.79
C VAL B 124 13.79 5.43 8.75
N ARG B 125 12.47 5.32 8.93
CA ARG B 125 11.61 6.49 8.86
C ARG B 125 10.82 6.67 10.11
N PRO B 126 11.04 7.77 10.80
CA PRO B 126 10.18 8.03 11.91
C PRO B 126 8.95 8.80 11.43
N VAL B 127 7.77 8.44 11.94
CA VAL B 127 6.52 9.07 11.52
C VAL B 127 5.82 9.57 12.76
N TYR B 128 5.63 10.87 12.81
CA TYR B 128 4.96 11.49 13.96
C TYR B 128 4.30 12.82 13.59
N TYR B 129 3.42 13.27 14.46
CA TYR B 129 2.63 14.44 14.19
C TYR B 129 3.12 15.63 14.97
N LEU B 130 3.25 16.75 14.25
CA LEU B 130 3.44 18.07 14.86
C LEU B 130 2.17 18.91 14.82
N LYS B 131 1.71 19.38 15.98
CA LYS B 131 0.57 20.30 16.10
C LYS B 131 0.73 21.48 15.14
N GLY B 132 -0.37 21.86 14.50
CA GLY B 132 -0.33 22.94 13.54
C GLY B 132 -0.19 22.47 12.10
N VAL B 133 0.43 21.32 11.85
CA VAL B 133 0.52 20.87 10.46
C VAL B 133 -0.81 20.24 10.03
N PRO B 134 -1.28 20.57 8.80
CA PRO B 134 -2.55 20.05 8.29
C PRO B 134 -2.62 18.52 8.11
N SER B 135 -3.77 17.97 8.40
CA SER B 135 -3.96 16.56 8.37
C SER B 135 -5.31 16.23 7.74
N PRO B 136 -5.32 15.21 6.89
CA PRO B 136 -6.59 14.73 6.34
C PRO B 136 -7.37 13.83 7.31
N ILE B 137 -6.77 13.47 8.45
CA ILE B 137 -7.42 12.53 9.40
C ILE B 137 -7.81 13.23 10.70
N LYS B 138 -8.73 12.65 11.47
CA LYS B 138 -9.24 13.29 12.70
C LYS B 138 -8.26 13.20 13.86
N HIS B 139 -7.45 12.16 13.89
CA HIS B 139 -6.64 11.86 15.07
C HIS B 139 -5.18 11.65 14.70
N PRO B 140 -4.54 12.66 14.08
CA PRO B 140 -3.14 12.43 13.69
C PRO B 140 -2.23 12.36 14.92
N GLU B 141 -2.70 12.83 16.08
CA GLU B 141 -1.87 12.89 17.28
C GLU B 141 -1.50 11.50 17.81
N LYS B 142 -2.30 10.49 17.49
CA LYS B 142 -2.02 9.14 17.94
C LYS B 142 -0.90 8.50 17.14
N VAL B 143 -0.47 9.12 16.05
CA VAL B 143 0.55 8.50 15.18
C VAL B 143 1.98 8.69 15.65
N ASN B 144 2.66 7.57 15.94
CA ASN B 144 4.06 7.61 16.40
C ASN B 144 4.81 6.31 16.11
N PHE B 145 5.33 6.22 14.90
CA PHE B 145 6.02 5.00 14.50
C PHE B 145 7.47 5.25 14.20
N VAL B 146 8.27 4.21 14.32
CA VAL B 146 9.48 4.21 13.54
C VAL B 146 9.56 2.97 12.67
N ILE B 147 9.66 3.23 11.37
CA ILE B 147 9.61 2.23 10.35
C ILE B 147 11.03 1.89 9.87
N PHE B 148 11.30 0.59 9.95
CA PHE B 148 12.54 -0.05 9.53
C PHE B 148 12.29 -0.89 8.30
N ARG B 149 12.84 -0.45 7.19
CA ARG B 149 12.58 -1.01 5.87
C ARG B 149 13.90 -1.61 5.37
N GLU B 150 13.87 -2.91 5.09
CA GLU B 150 14.93 -3.55 4.36
C GLU B 150 15.01 -2.97 2.95
N ASN B 151 16.21 -2.63 2.51
CA ASN B 151 16.38 -1.76 1.37
C ASN B 151 17.33 -2.25 0.32
N THR B 152 17.68 -3.54 0.36
CA THR B 152 18.67 -4.15 -0.58
C THR B 152 18.06 -5.11 -1.61
N GLU B 153 16.94 -5.75 -1.26
CA GLU B 153 16.39 -6.77 -2.14
C GLU B 153 14.89 -6.60 -2.38
N ASP B 154 14.21 -7.72 -2.61
CA ASP B 154 12.78 -7.73 -2.98
C ASP B 154 12.71 -7.22 -4.45
N VAL B 155 11.49 -6.96 -4.95
CA VAL B 155 11.27 -6.63 -6.35
C VAL B 155 12.01 -5.36 -6.75
N TYR B 156 12.36 -4.57 -5.76
CA TYR B 156 13.05 -3.31 -5.94
C TYR B 156 14.52 -3.52 -6.17
N ALA B 157 14.99 -4.76 -6.30
CA ALA B 157 16.41 -4.93 -6.60
C ALA B 157 16.69 -4.73 -8.09
N GLY B 158 15.64 -4.50 -8.87
CA GLY B 158 15.78 -4.17 -10.28
C GLY B 158 16.24 -5.32 -11.13
N ILE B 159 15.98 -6.54 -10.65
CA ILE B 159 16.26 -7.75 -11.40
C ILE B 159 15.05 -8.15 -12.22
N GLU B 160 15.04 -7.73 -13.48
CA GLU B 160 13.95 -8.04 -14.39
C GLU B 160 14.28 -7.71 -15.85
N TRP B 161 13.50 -8.28 -16.77
CA TRP B 161 13.74 -8.25 -18.19
C TRP B 161 12.43 -8.02 -18.95
N PRO B 162 12.48 -7.23 -20.05
CA PRO B 162 11.31 -6.80 -20.84
C PRO B 162 10.67 -7.93 -21.62
N ARG B 163 9.38 -7.85 -21.91
CA ARG B 163 8.74 -8.87 -22.76
C ARG B 163 9.51 -9.05 -24.09
N GLY B 164 9.56 -10.28 -24.58
CA GLY B 164 10.13 -10.57 -25.89
C GLY B 164 11.63 -10.46 -26.02
N SER B 165 12.31 -10.05 -24.96
CA SER B 165 13.76 -10.02 -24.97
C SER B 165 14.29 -11.44 -24.81
N GLU B 166 15.50 -11.69 -25.31
CA GLU B 166 16.09 -13.02 -25.27
C GLU B 166 16.30 -13.52 -23.82
N GLU B 167 16.72 -12.64 -22.91
CA GLU B 167 16.89 -13.06 -21.53
C GLU B 167 15.56 -13.44 -20.86
N ALA B 168 14.55 -12.61 -21.07
CA ALA B 168 13.18 -12.95 -20.65
C ALA B 168 12.74 -14.27 -21.26
N LEU B 169 12.83 -14.39 -22.58
CA LEU B 169 12.40 -15.58 -23.26
C LEU B 169 13.10 -16.86 -22.78
N LYS B 170 14.40 -16.80 -22.46
CA LYS B 170 15.13 -17.96 -21.92
C LYS B 170 14.71 -18.31 -20.50
N LEU B 171 14.32 -17.30 -19.72
CA LEU B 171 13.91 -17.52 -18.34
C LEU B 171 12.62 -18.29 -18.34
N ILE B 172 11.64 -17.80 -19.10
CA ILE B 172 10.36 -18.47 -19.26
C ILE B 172 10.52 -19.90 -19.76
N ARG B 173 11.32 -20.10 -20.80
CA ARG B 173 11.44 -21.44 -21.34
C ARG B 173 12.17 -22.35 -20.32
N PHE B 174 13.17 -21.81 -19.62
CA PHE B 174 13.85 -22.53 -18.53
C PHE B 174 12.83 -23.03 -17.51
N LEU B 175 12.05 -22.11 -16.97
CA LEU B 175 11.02 -22.39 -15.99
C LEU B 175 9.97 -23.40 -16.48
N LYS B 176 9.78 -23.50 -17.80
CA LYS B 176 8.90 -24.51 -18.39
C LYS B 176 9.54 -25.92 -18.32
N ASN B 177 10.77 -26.04 -18.82
CA ASN B 177 11.43 -27.34 -18.97
C ASN B 177 11.85 -27.91 -17.65
N GLU B 178 12.34 -27.05 -16.77
CA GLU B 178 12.85 -27.45 -15.46
C GLU B 178 11.76 -27.69 -14.41
N PHE B 179 10.86 -26.73 -14.21
CA PHE B 179 9.86 -26.85 -13.15
C PHE B 179 8.42 -27.07 -13.63
N GLY B 180 8.22 -27.26 -14.93
CA GLY B 180 6.88 -27.30 -15.51
C GLY B 180 5.97 -26.12 -15.15
N VAL B 181 6.55 -24.92 -14.98
CA VAL B 181 5.72 -23.69 -14.81
C VAL B 181 5.51 -22.99 -16.14
N THR B 182 4.29 -22.51 -16.37
CA THR B 182 3.95 -21.88 -17.65
C THR B 182 3.53 -20.41 -17.62
N ILE B 183 4.49 -19.56 -17.96
CA ILE B 183 4.32 -18.13 -17.99
C ILE B 183 4.08 -17.73 -19.43
N ARG B 184 2.96 -17.06 -19.68
CA ARG B 184 2.59 -16.62 -21.00
C ARG B 184 3.81 -15.91 -21.62
N GLU B 185 4.06 -16.09 -22.93
CA GLU B 185 5.32 -15.64 -23.56
C GLU B 185 5.44 -14.12 -23.68
N ASP B 186 4.30 -13.47 -23.94
CA ASP B 186 4.15 -12.01 -24.02
C ASP B 186 4.31 -11.33 -22.63
N SER B 187 5.13 -11.91 -21.79
CA SER B 187 5.19 -11.42 -20.44
C SER B 187 6.55 -10.71 -20.13
N GLY B 188 6.50 -9.57 -19.44
CA GLY B 188 7.70 -8.97 -18.85
C GLY B 188 7.92 -9.72 -17.57
N ILE B 189 9.17 -9.82 -17.10
CA ILE B 189 9.46 -10.66 -15.93
C ILE B 189 10.46 -10.09 -14.97
N GLY B 190 10.08 -10.13 -13.69
CA GLY B 190 10.90 -9.76 -12.57
C GLY B 190 11.08 -10.94 -11.63
N ILE B 191 12.01 -10.78 -10.69
CA ILE B 191 12.31 -11.84 -9.77
C ILE B 191 12.39 -11.21 -8.39
N LYS B 192 11.86 -11.96 -7.43
CA LYS B 192 11.70 -11.43 -6.11
C LYS B 192 12.54 -12.21 -5.09
N PRO B 193 13.80 -11.76 -4.79
CA PRO B 193 14.67 -12.41 -3.82
C PRO B 193 14.61 -11.84 -2.40
N ILE B 194 14.40 -12.69 -1.39
CA ILE B 194 14.46 -12.26 0.01
C ILE B 194 15.36 -13.25 0.70
N SER B 195 16.36 -12.77 1.43
CA SER B 195 17.35 -13.63 2.06
C SER B 195 17.34 -13.60 3.60
N GLU B 196 17.61 -14.77 4.18
CA GLU B 196 17.82 -14.93 5.62
C GLU B 196 18.73 -13.86 6.17
N PHE B 197 19.84 -13.62 5.48
CA PHE B 197 20.85 -12.73 5.98
C PHE B 197 20.33 -11.30 6.08
N ALA B 198 19.65 -10.86 5.03
CA ALA B 198 19.29 -9.46 4.91
C ALA B 198 18.06 -9.18 5.76
N THR B 199 17.10 -10.11 5.77
CA THR B 199 15.93 -9.99 6.65
C THR B 199 16.41 -9.91 8.10
N LYS B 200 17.23 -10.89 8.49
CA LYS B 200 17.78 -10.94 9.85
C LYS B 200 18.57 -9.70 10.27
N ARG B 201 19.31 -9.02 9.41
CA ARG B 201 19.93 -7.83 9.99
C ARG B 201 19.05 -6.59 10.10
N LEU B 202 18.11 -6.43 9.17
CA LEU B 202 17.13 -5.38 9.35
C LEU B 202 16.33 -5.56 10.67
N VAL B 203 15.76 -6.74 10.90
CA VAL B 203 14.97 -7.00 12.11
C VAL B 203 15.80 -6.83 13.39
N ARG B 204 16.98 -7.44 13.41
CA ARG B 204 17.93 -7.28 14.51
C ARG B 204 18.16 -5.78 14.83
N MET B 205 18.23 -4.95 13.82
CA MET B 205 18.30 -3.50 14.04
C MET B 205 17.03 -2.89 14.70
N ALA B 206 15.84 -3.32 14.23
CA ALA B 206 14.56 -2.78 14.72
C ALA B 206 14.31 -3.19 16.17
N ILE B 207 14.64 -4.45 16.47
CA ILE B 207 14.51 -4.91 17.82
C ILE B 207 15.47 -4.14 18.70
N ARG B 208 16.74 -4.06 18.31
CA ARG B 208 17.70 -3.35 19.17
C ARG B 208 17.26 -1.92 19.44
N TYR B 209 16.64 -1.32 18.43
CA TYR B 209 16.11 0.01 18.57
C TYR B 209 15.03 0.04 19.62
N ALA B 210 14.10 -0.92 19.56
CA ALA B 210 12.99 -0.98 20.51
C ALA B 210 13.49 -1.15 21.94
N ILE B 211 14.44 -2.06 22.14
CA ILE B 211 15.03 -2.27 23.46
C ILE B 211 15.65 -0.98 23.94
N GLU B 212 16.44 -0.37 23.07
CA GLU B 212 17.30 0.76 23.41
C GLU B 212 16.50 2.05 23.66
N ASN B 213 15.35 2.17 23.02
CA ASN B 213 14.47 3.33 23.23
C ASN B 213 13.18 3.02 23.97
N ASN B 214 13.13 1.80 24.53
CA ASN B 214 11.94 1.20 25.18
C ASN B 214 10.59 1.53 24.54
N ARG B 215 10.47 1.14 23.27
CA ARG B 215 9.23 1.13 22.59
C ARG B 215 8.59 -0.17 23.02
N LYS B 216 7.28 -0.25 22.90
CA LYS B 216 6.58 -1.33 23.59
C LYS B 216 6.48 -2.55 22.66
N SER B 217 6.53 -2.32 21.35
CA SER B 217 6.39 -3.42 20.39
C SER B 217 7.19 -3.28 19.08
N VAL B 218 7.42 -4.43 18.44
CA VAL B 218 7.99 -4.51 17.09
C VAL B 218 7.02 -5.34 16.26
N THR B 219 6.56 -4.79 15.14
CA THR B 219 5.54 -5.45 14.32
C THR B 219 6.19 -5.86 13.02
N LEU B 220 6.07 -7.15 12.64
CA LEU B 220 6.60 -7.60 11.34
C LEU B 220 5.50 -7.56 10.28
N VAL B 221 5.73 -6.84 9.18
CA VAL B 221 4.64 -6.68 8.25
C VAL B 221 5.03 -7.39 6.97
N HIS B 222 4.12 -8.24 6.50
CA HIS B 222 4.49 -9.22 5.50
C HIS B 222 3.24 -9.62 4.80
N LYS B 223 3.37 -10.23 3.63
CA LYS B 223 2.22 -10.71 2.87
C LYS B 223 2.40 -12.23 2.70
N GLY B 224 2.83 -12.85 3.80
CA GLY B 224 3.26 -14.23 3.81
C GLY B 224 2.18 -15.26 3.66
N ASN B 225 0.94 -14.83 3.64
CA ASN B 225 -0.19 -15.73 3.40
C ASN B 225 -0.38 -16.03 1.90
N ILE B 226 0.01 -15.12 1.00
CA ILE B 226 0.05 -15.46 -0.42
C ILE B 226 1.49 -15.77 -0.85
N MET B 227 2.46 -15.02 -0.34
CA MET B 227 3.85 -15.25 -0.73
C MET B 227 4.64 -15.92 0.37
N LYS B 228 4.46 -17.24 0.44
CA LYS B 228 4.93 -18.10 1.55
C LYS B 228 6.43 -18.10 1.70
N TYR B 229 7.16 -18.17 0.59
CA TYR B 229 8.59 -18.44 0.65
C TYR B 229 9.49 -17.22 0.48
N THR B 230 8.86 -16.05 0.32
CA THR B 230 9.55 -14.76 0.38
C THR B 230 9.05 -13.88 1.53
N GLU B 231 7.78 -13.49 1.48
CA GLU B 231 7.20 -12.70 2.54
C GLU B 231 7.03 -13.53 3.81
N GLY B 232 6.56 -14.77 3.64
CA GLY B 232 6.34 -15.66 4.80
C GLY B 232 7.65 -16.01 5.47
N ALA B 233 8.71 -16.10 4.68
CA ALA B 233 10.04 -16.30 5.28
C ALA B 233 10.52 -15.04 6.04
N PHE B 234 10.16 -13.86 5.58
CA PHE B 234 10.55 -12.65 6.29
C PHE B 234 9.99 -12.73 7.70
N ARG B 235 8.76 -13.20 7.81
CA ARG B 235 8.08 -13.36 9.09
C ARG B 235 8.80 -14.40 9.96
N ASP B 236 8.92 -15.63 9.47
CA ASP B 236 9.67 -16.68 10.20
C ASP B 236 11.06 -16.28 10.57
N TRP B 237 11.78 -15.61 9.67
CA TRP B 237 13.14 -15.18 10.00
C TRP B 237 13.18 -14.08 11.06
N GLY B 238 12.22 -13.14 10.99
CA GLY B 238 12.06 -12.10 11.99
C GLY B 238 11.71 -12.69 13.33
N TYR B 239 10.86 -13.74 13.36
CA TYR B 239 10.49 -14.36 14.64
C TYR B 239 11.68 -15.03 15.26
N GLU B 240 12.37 -15.83 14.45
CA GLU B 240 13.63 -16.46 14.87
C GLU B 240 14.62 -15.51 15.53
N VAL B 241 14.82 -14.30 14.99
CA VAL B 241 15.78 -13.39 15.62
C VAL B 241 15.29 -12.95 16.98
N ALA B 242 13.99 -12.67 17.07
CA ALA B 242 13.39 -12.34 18.36
C ALA B 242 13.55 -13.50 19.33
N LYS B 243 13.26 -14.70 18.83
CA LYS B 243 13.22 -15.89 19.68
C LYS B 243 14.65 -16.31 20.03
N GLN B 244 15.46 -16.52 19.01
CA GLN B 244 16.85 -16.98 19.17
C GLN B 244 17.87 -15.94 19.66
N GLU B 245 17.73 -14.65 19.36
CA GLU B 245 18.75 -13.71 19.81
C GLU B 245 18.33 -12.73 20.90
N PHE B 246 17.04 -12.73 21.23
CA PHE B 246 16.54 -11.71 22.15
C PHE B 246 15.51 -12.22 23.15
N GLY B 247 15.67 -13.48 23.58
CA GLY B 247 14.70 -14.14 24.46
C GLY B 247 14.52 -13.46 25.80
N GLU B 248 15.54 -12.70 26.21
CA GLU B 248 15.45 -11.86 27.40
C GLU B 248 14.34 -10.84 27.23
N TYR B 249 14.27 -10.23 26.04
CA TYR B 249 13.45 -9.05 25.82
C TYR B 249 12.16 -9.34 25.12
N CYS B 250 12.16 -10.33 24.24
CA CYS B 250 11.03 -10.48 23.34
C CYS B 250 10.08 -11.61 23.67
N ILE B 251 8.78 -11.28 23.66
CA ILE B 251 7.71 -12.28 23.77
C ILE B 251 6.77 -12.13 22.59
N THR B 252 6.19 -13.23 22.10
CA THR B 252 5.23 -13.14 21.02
C THR B 252 3.90 -12.62 21.55
N GLU B 253 2.91 -12.56 20.69
CA GLU B 253 1.57 -12.21 21.08
C GLU B 253 0.82 -13.38 21.65
N ASP B 254 1.11 -14.59 21.17
CA ASP B 254 0.65 -15.79 21.91
C ASP B 254 1.10 -15.73 23.37
N GLU B 255 2.39 -15.45 23.59
CA GLU B 255 2.99 -15.31 24.93
C GLU B 255 2.39 -14.20 25.77
N LEU B 256 2.01 -13.12 25.12
CA LEU B 256 1.42 -12.00 25.81
C LEU B 256 0.14 -12.43 26.51
N TRP B 257 -0.73 -13.12 25.78
CA TRP B 257 -2.07 -13.45 26.26
C TRP B 257 -2.14 -14.63 27.26
N ASP B 258 -1.51 -15.75 26.93
CA ASP B 258 -1.62 -16.95 27.73
C ASP B 258 -0.74 -16.85 28.99
N LYS B 259 0.57 -16.63 28.79
CA LYS B 259 1.52 -16.53 29.91
C LYS B 259 1.41 -15.24 30.75
N TYR B 260 1.16 -14.09 30.11
CA TYR B 260 1.07 -12.82 30.83
C TYR B 260 -0.35 -12.24 31.01
N GLY B 261 -1.35 -12.99 30.55
CA GLY B 261 -2.76 -12.62 30.72
C GLY B 261 -3.18 -11.46 29.85
N GLY B 262 -2.21 -10.90 29.14
CA GLY B 262 -2.42 -9.70 28.36
C GLY B 262 -1.81 -8.49 29.03
N LYS B 263 -1.13 -8.66 30.16
CA LYS B 263 -0.36 -7.57 30.78
C LYS B 263 1.01 -7.44 30.11
N GLN B 264 1.50 -6.21 30.00
CA GLN B 264 2.78 -5.93 29.35
C GLN B 264 3.85 -5.75 30.41
N PRO B 265 4.60 -6.82 30.73
CA PRO B 265 5.64 -6.66 31.76
C PRO B 265 6.69 -5.61 31.37
N GLU B 266 7.21 -4.89 32.37
CA GLU B 266 8.24 -3.90 32.11
C GLU B 266 9.44 -4.63 31.52
N GLY B 267 10.20 -3.93 30.69
CA GLY B 267 11.35 -4.54 30.02
C GLY B 267 11.05 -5.31 28.75
N LYS B 268 9.95 -6.07 28.76
CA LYS B 268 9.61 -6.91 27.60
C LYS B 268 9.04 -6.12 26.42
N ILE B 269 9.47 -6.53 25.23
CA ILE B 269 9.00 -5.96 23.97
C ILE B 269 8.18 -7.04 23.29
N VAL B 270 7.00 -6.67 22.80
CA VAL B 270 6.11 -7.59 22.09
C VAL B 270 6.55 -7.64 20.64
N VAL B 271 6.70 -8.83 20.11
CA VAL B 271 7.00 -8.88 18.70
C VAL B 271 5.80 -9.54 18.05
N LYS B 272 5.14 -8.82 17.16
CA LYS B 272 3.94 -9.32 16.50
C LYS B 272 4.01 -9.25 14.98
N ASP B 273 3.03 -9.82 14.31
CA ASP B 273 3.01 -9.70 12.86
C ASP B 273 1.59 -9.46 12.33
N ARG B 274 1.53 -8.75 11.20
CA ARG B 274 0.30 -8.29 10.62
C ARG B 274 0.45 -8.42 9.12
N ILE B 275 -0.64 -8.72 8.43
CA ILE B 275 -0.56 -8.94 7.00
C ILE B 275 -0.46 -7.57 6.34
N ALA B 276 0.40 -7.42 5.33
CA ALA B 276 0.67 -6.10 4.72
C ALA B 276 -0.56 -5.35 4.27
N ASP B 277 -1.39 -5.98 3.44
CA ASP B 277 -2.62 -5.30 2.94
C ASP B 277 -3.63 -4.87 4.01
N ASN B 278 -3.54 -5.42 5.23
CA ASN B 278 -4.39 -4.99 6.34
C ASN B 278 -3.79 -3.83 7.17
N MET B 279 -2.48 -3.61 7.06
CA MET B 279 -1.81 -2.55 7.84
C MET B 279 -2.31 -1.11 7.57
N PHE B 280 -2.82 -0.88 6.36
CA PHE B 280 -3.32 0.42 5.97
C PHE B 280 -4.54 0.77 6.79
N GLN B 281 -5.39 -0.23 7.04
CA GLN B 281 -6.47 -0.09 7.98
C GLN B 281 -5.99 0.11 9.42
N GLN B 282 -5.02 -0.71 9.86
CA GLN B 282 -4.51 -0.68 11.24
C GLN B 282 -3.94 0.67 11.69
N ILE B 283 -3.30 1.40 10.81
CA ILE B 283 -2.67 2.68 11.20
C ILE B 283 -3.69 3.82 11.28
N LEU B 284 -4.84 3.59 10.68
CA LEU B 284 -5.97 4.48 10.75
C LEU B 284 -6.82 4.24 11.98
N THR B 285 -7.12 2.98 12.31
CA THR B 285 -7.99 2.72 13.46
C THR B 285 -7.34 2.18 14.69
N ARG B 286 -6.17 1.61 14.59
CA ARG B 286 -5.56 1.08 15.80
C ARG B 286 -4.17 1.70 15.97
N THR B 287 -4.07 2.95 15.56
CA THR B 287 -2.83 3.71 15.50
C THR B 287 -2.03 3.57 16.78
N ASP B 288 -2.74 3.67 17.88
CA ASP B 288 -2.34 3.43 19.25
C ASP B 288 -1.38 2.23 19.41
N GLU B 289 -1.55 1.20 18.60
CA GLU B 289 -1.03 -0.14 18.91
C GLU B 289 0.29 -0.48 18.24
N TYR B 290 0.84 0.44 17.48
CA TYR B 290 2.07 0.17 16.72
C TYR B 290 3.14 1.22 17.06
N ASP B 291 4.38 0.78 17.30
CA ASP B 291 5.53 1.69 17.54
C ASP B 291 6.56 1.46 16.46
N VAL B 292 7.32 0.38 16.64
CA VAL B 292 8.39 -0.01 15.73
C VAL B 292 7.83 -1.00 14.74
N ILE B 293 8.02 -0.70 13.47
CA ILE B 293 7.54 -1.58 12.42
C ILE B 293 8.69 -1.98 11.57
N ALA B 294 8.79 -3.28 11.29
CA ALA B 294 9.85 -3.88 10.46
C ALA B 294 9.24 -4.58 9.24
N LEU B 295 9.72 -4.22 8.03
CA LEU B 295 9.07 -4.59 6.75
C LEU B 295 10.09 -4.84 5.66
N PRO B 296 9.75 -5.71 4.68
CA PRO B 296 10.47 -5.88 3.42
C PRO B 296 10.48 -4.60 2.59
N ASN B 297 11.18 -4.60 1.47
CA ASN B 297 11.35 -3.38 0.70
C ASN B 297 10.06 -2.72 0.17
N LEU B 298 9.27 -3.46 -0.61
CA LEU B 298 8.05 -2.89 -1.15
C LEU B 298 7.11 -2.40 -0.04
N ASN B 299 6.78 -3.26 0.92
CA ASN B 299 5.80 -2.93 1.96
C ASN B 299 6.28 -1.77 2.75
N GLY B 300 7.59 -1.76 2.96
CA GLY B 300 8.27 -0.66 3.64
C GLY B 300 7.98 0.68 2.99
N ASP B 301 8.03 0.69 1.67
CA ASP B 301 7.84 1.89 0.91
C ASP B 301 6.40 2.37 0.98
N TYR B 302 5.46 1.49 0.63
CA TYR B 302 4.01 1.77 0.63
C TYR B 302 3.48 2.17 2.01
N LEU B 303 3.80 1.36 3.01
CA LEU B 303 3.27 1.63 4.34
C LEU B 303 3.80 2.95 4.88
N SER B 304 5.08 3.21 4.68
CA SER B 304 5.66 4.44 5.23
C SER B 304 5.22 5.70 4.48
N ASP B 305 5.04 5.63 3.16
CA ASP B 305 4.36 6.73 2.46
C ASP B 305 2.89 6.85 2.93
N ALA B 306 2.19 5.75 3.18
CA ALA B 306 0.80 5.86 3.67
C ALA B 306 0.74 6.56 5.03
N ALA B 307 1.68 6.21 5.90
CA ALA B 307 1.72 6.77 7.24
C ALA B 307 2.03 8.28 7.29
N ALA B 308 2.93 8.71 6.40
CA ALA B 308 3.30 10.10 6.24
C ALA B 308 2.10 10.95 5.80
N ALA B 309 1.24 10.39 4.95
CA ALA B 309 0.08 11.17 4.50
C ALA B 309 -0.85 11.48 5.66
N LEU B 310 -0.89 10.63 6.66
CA LEU B 310 -1.78 10.86 7.79
C LEU B 310 -1.29 12.09 8.51
N ILE B 311 0.02 12.31 8.47
CA ILE B 311 0.72 13.20 9.36
C ILE B 311 1.14 14.53 8.76
N GLY B 312 0.73 14.80 7.52
CA GLY B 312 1.05 16.07 6.88
C GLY B 312 1.75 15.89 5.55
N GLY B 313 2.08 14.65 5.20
CA GLY B 313 2.56 14.38 3.86
C GLY B 313 4.05 14.15 3.80
N LEU B 314 4.48 13.78 2.61
CA LEU B 314 5.83 13.38 2.30
C LEU B 314 6.77 14.59 2.31
N GLY B 315 6.31 15.72 1.76
CA GLY B 315 7.03 16.99 1.72
C GLY B 315 7.65 17.43 3.04
N ILE B 316 7.15 16.90 4.16
CA ILE B 316 7.76 17.13 5.46
C ILE B 316 8.31 15.89 6.19
N ALA B 317 8.54 14.82 5.44
CA ALA B 317 8.97 13.54 6.01
C ALA B 317 10.51 13.44 6.13
N PRO B 318 10.99 13.13 7.35
CA PRO B 318 12.43 12.95 7.55
C PRO B 318 12.84 11.50 7.29
N GLY B 319 13.93 11.32 6.56
CA GLY B 319 14.39 9.97 6.29
C GLY B 319 15.80 9.66 6.72
N SER B 320 16.17 8.40 6.51
CA SER B 320 17.46 7.92 6.89
C SER B 320 17.78 6.61 6.18
N ASN B 321 19.06 6.44 5.83
CA ASN B 321 19.60 5.17 5.40
C ASN B 321 20.75 4.75 6.30
N ILE B 322 20.61 3.60 6.95
CA ILE B 322 21.53 3.21 7.98
C ILE B 322 22.11 1.82 7.79
N GLY B 323 23.37 1.66 8.15
CA GLY B 323 24.04 0.37 8.17
C GLY B 323 24.74 0.14 9.51
N ASP B 324 25.86 -0.56 9.48
CA ASP B 324 26.55 -0.89 10.73
C ASP B 324 27.45 0.24 11.15
N GLY B 325 27.03 1.01 12.14
CA GLY B 325 27.83 2.13 12.65
C GLY B 325 28.01 3.28 11.69
N ILE B 326 27.03 3.44 10.80
CA ILE B 326 27.11 4.41 9.73
C ILE B 326 25.68 4.78 9.32
N GLY B 327 25.48 6.05 8.97
CA GLY B 327 24.18 6.58 8.58
C GLY B 327 24.27 7.81 7.68
N VAL B 328 23.28 7.93 6.79
CA VAL B 328 23.18 9.03 5.85
C VAL B 328 21.77 9.55 5.96
N PHE B 329 21.66 10.86 6.09
CA PHE B 329 20.39 11.49 6.43
C PHE B 329 19.89 12.50 5.41
N GLU B 330 18.79 12.16 4.71
CA GLU B 330 18.10 13.13 3.85
C GLU B 330 16.58 13.07 3.95
N PRO B 331 15.91 14.19 3.61
CA PRO B 331 14.46 14.17 3.51
C PRO B 331 13.98 13.09 2.55
N VAL B 332 12.80 12.55 2.76
CA VAL B 332 12.20 11.64 1.78
C VAL B 332 11.90 12.30 0.41
N HIS B 333 11.65 13.63 0.39
CA HIS B 333 11.35 14.46 -0.84
C HIS B 333 12.47 14.67 -1.93
N GLY B 334 12.06 14.88 -3.18
CA GLY B 334 12.99 15.13 -4.32
C GLY B 334 13.68 16.50 -4.34
N SER B 335 14.17 16.93 -5.50
CA SER B 335 14.93 18.21 -5.56
C SER B 335 14.22 19.44 -6.21
N ALA B 336 12.97 19.23 -6.65
CA ALA B 336 12.16 20.17 -7.47
C ALA B 336 12.90 21.34 -8.18
N PRO B 337 13.09 21.22 -9.51
CA PRO B 337 13.72 22.28 -10.33
C PRO B 337 13.31 23.74 -9.94
N LYS B 338 12.04 24.11 -10.18
CA LYS B 338 11.58 25.51 -10.10
C LYS B 338 11.46 26.13 -8.72
N TYR B 339 11.05 25.33 -7.73
CA TYR B 339 10.68 25.81 -6.36
C TYR B 339 10.02 27.22 -6.18
N ALA B 340 9.19 27.65 -7.16
CA ALA B 340 8.60 29.02 -7.28
C ALA B 340 9.65 30.15 -7.50
N GLY B 341 10.92 29.74 -7.58
CA GLY B 341 12.04 30.65 -7.43
C GLY B 341 12.73 30.33 -6.11
N GLN B 342 13.67 31.18 -5.75
CA GLN B 342 14.51 30.92 -4.62
C GLN B 342 13.82 31.34 -3.32
N ASN B 343 14.23 30.72 -2.21
CA ASN B 343 13.77 31.02 -0.86
C ASN B 343 12.29 30.79 -0.54
N LYS B 344 11.64 29.90 -1.29
CA LYS B 344 10.22 29.73 -1.12
C LYS B 344 9.83 28.33 -0.67
N VAL B 345 10.79 27.42 -0.58
CA VAL B 345 10.49 26.04 -0.27
C VAL B 345 10.56 25.75 1.24
N ASN B 346 9.97 24.63 1.66
CA ASN B 346 9.79 24.29 3.07
C ASN B 346 10.98 23.52 3.64
N PRO B 347 11.72 24.14 4.58
CA PRO B 347 12.89 23.44 5.13
C PRO B 347 12.58 22.40 6.22
N THR B 348 11.30 22.27 6.57
CA THR B 348 10.90 21.40 7.68
C THR B 348 11.39 19.99 7.52
N ALA B 349 11.25 19.41 6.34
CA ALA B 349 11.73 18.04 6.14
C ALA B 349 13.21 17.92 6.47
N GLU B 350 14.04 18.78 5.86
CA GLU B 350 15.48 18.80 6.18
C GLU B 350 15.82 19.05 7.64
N ILE B 351 15.12 19.98 8.28
CA ILE B 351 15.34 20.30 9.70
C ILE B 351 15.10 19.07 10.57
N LEU B 352 13.97 18.41 10.31
CA LEU B 352 13.57 17.24 11.07
C LEU B 352 14.43 16.01 10.76
N THR B 353 14.96 15.91 9.54
CA THR B 353 15.92 14.85 9.30
C THR B 353 17.25 15.21 9.96
N GLY B 354 17.54 16.50 10.08
CA GLY B 354 18.64 16.89 10.94
C GLY B 354 18.40 16.40 12.36
N ALA B 355 17.16 16.47 12.82
CA ALA B 355 16.83 16.06 14.17
C ALA B 355 17.04 14.57 14.30
N LEU B 356 16.78 13.86 13.21
CA LEU B 356 16.89 12.41 13.22
C LEU B 356 18.37 12.00 13.28
N MET B 357 19.23 12.79 12.65
CA MET B 357 20.67 12.57 12.72
C MET B 357 21.18 12.66 14.15
N PHE B 358 20.68 13.64 14.91
CA PHE B 358 21.05 13.77 16.31
C PHE B 358 20.62 12.58 17.14
N GLU B 359 19.45 12.01 16.84
CA GLU B 359 18.97 10.85 17.63
C GLU B 359 19.93 9.65 17.47
N TYR B 360 20.42 9.45 16.24
CA TYR B 360 21.33 8.35 15.91
C TYR B 360 22.71 8.63 16.51
N ILE B 361 22.96 9.91 16.80
CA ILE B 361 24.22 10.36 17.36
C ILE B 361 24.24 10.17 18.87
N GLY B 362 23.07 10.06 19.49
CA GLY B 362 22.95 9.97 20.94
C GLY B 362 22.36 11.21 21.60
N TRP B 363 22.45 12.35 20.91
CA TRP B 363 21.92 13.61 21.39
C TRP B 363 20.38 13.70 21.27
N LYS B 364 19.67 12.68 21.71
CA LYS B 364 18.24 12.67 21.45
C LYS B 364 17.47 13.79 22.19
N ASP B 365 18.08 14.40 23.19
CA ASP B 365 17.46 15.52 23.90
C ASP B 365 17.41 16.78 23.02
N ALA B 366 18.46 16.95 22.21
CA ALA B 366 18.53 18.00 21.17
C ALA B 366 17.59 17.72 20.00
N SER B 367 17.41 16.46 19.64
CA SER B 367 16.44 16.08 18.61
C SER B 367 15.02 16.47 19.02
N GLU B 368 14.70 16.18 20.27
CA GLU B 368 13.42 16.49 20.84
C GLU B 368 13.19 18.02 20.83
N MET B 369 14.22 18.77 21.20
CA MET B 369 14.17 20.22 21.21
C MET B 369 13.84 20.79 19.83
N ILE B 370 14.44 20.21 18.79
CA ILE B 370 14.15 20.60 17.40
C ILE B 370 12.68 20.35 17.00
N LYS B 371 12.16 19.19 17.37
CA LYS B 371 10.77 18.84 17.06
C LYS B 371 9.81 19.85 17.70
N LYS B 372 10.04 20.16 18.96
CA LYS B 372 9.18 21.07 19.70
C LYS B 372 9.19 22.45 19.06
N ALA B 373 10.39 22.93 18.76
CA ALA B 373 10.59 24.23 18.13
C ALA B 373 10.02 24.32 16.71
N VAL B 374 10.22 23.29 15.89
CA VAL B 374 9.56 23.24 14.62
C VAL B 374 8.04 23.39 14.81
N GLU B 375 7.49 22.65 15.76
CA GLU B 375 6.09 22.72 16.17
C GLU B 375 5.61 24.11 16.61
N MET B 376 6.31 24.68 17.60
CA MET B 376 5.99 25.97 18.16
C MET B 376 5.88 26.98 17.04
N THR B 377 6.74 26.87 16.03
CA THR B 377 6.69 27.85 14.96
C THR B 377 5.58 27.62 13.89
N ILE B 378 5.32 26.36 13.56
CA ILE B 378 4.20 25.97 12.69
C ILE B 378 2.87 26.30 13.38
N SER B 379 2.80 26.05 14.68
CA SER B 379 1.65 26.45 15.49
C SER B 379 1.40 27.96 15.53
N SER B 380 2.47 28.75 15.72
CA SER B 380 2.39 30.22 15.68
C SER B 380 1.69 30.80 14.47
N GLY B 381 1.69 30.06 13.37
CA GLY B 381 1.21 30.57 12.09
C GLY B 381 2.31 31.01 11.13
N ILE B 382 3.58 30.98 11.56
CA ILE B 382 4.72 31.24 10.68
C ILE B 382 4.98 29.99 9.79
N VAL B 383 4.70 30.09 8.50
CA VAL B 383 4.84 28.94 7.62
C VAL B 383 5.25 29.38 6.22
N THR B 384 5.87 28.48 5.48
CA THR B 384 6.28 28.76 4.09
C THR B 384 5.10 28.52 3.17
N TYR B 385 5.29 28.73 1.86
CA TYR B 385 4.25 28.37 0.84
C TYR B 385 3.35 27.17 1.26
N ASP B 386 3.93 25.96 1.36
CA ASP B 386 3.23 24.65 1.38
C ASP B 386 2.28 24.36 2.56
N ILE B 387 2.40 25.14 3.65
CA ILE B 387 1.54 24.99 4.85
C ILE B 387 0.68 26.24 5.12
N HIS B 388 0.83 27.25 4.24
CA HIS B 388 -0.10 28.39 4.06
C HIS B 388 -1.38 27.94 3.30
N ARG B 389 -1.28 26.77 2.70
CA ARG B 389 -2.36 26.09 1.99
C ARG B 389 -3.61 26.04 2.88
N HIS B 390 -3.58 25.25 3.95
CA HIS B 390 -4.78 25.10 4.80
C HIS B 390 -4.77 25.91 6.12
N MET B 391 -4.18 27.11 6.05
CA MET B 391 -4.21 28.13 7.13
C MET B 391 -3.79 29.49 6.53
N GLY B 392 -4.47 29.89 5.46
CA GLY B 392 -4.02 30.96 4.56
C GLY B 392 -4.24 32.38 5.00
N GLY B 393 -3.15 33.11 5.24
CA GLY B 393 -3.17 34.51 5.70
C GLY B 393 -1.90 34.94 6.43
N THR B 394 -0.95 34.01 6.48
CA THR B 394 0.41 34.22 7.00
C THR B 394 1.40 33.45 6.11
N LYS B 395 2.51 34.09 5.74
CA LYS B 395 3.47 33.52 4.78
C LYS B 395 4.81 33.54 5.47
N VAL B 396 5.87 33.94 4.74
CA VAL B 396 7.31 33.92 5.21
C VAL B 396 8.20 32.95 4.41
N GLY B 397 9.43 33.37 4.11
CA GLY B 397 10.38 32.60 3.27
C GLY B 397 11.20 31.51 3.95
N THR B 398 12.04 30.81 3.18
CA THR B 398 12.80 29.65 3.71
C THR B 398 13.77 30.06 4.81
N ARG B 399 14.53 31.11 4.56
CA ARG B 399 15.46 31.62 5.54
C ARG B 399 14.68 32.13 6.75
N GLU B 400 13.60 32.87 6.49
CA GLU B 400 12.85 33.51 7.57
C GLU B 400 12.21 32.44 8.44
N PHE B 401 11.82 31.31 7.85
CA PHE B 401 11.25 30.23 8.61
C PHE B 401 12.30 29.57 9.53
N ALA B 402 13.49 29.27 9.02
CA ALA B 402 14.53 28.66 9.87
C ALA B 402 14.93 29.57 11.04
N GLU B 403 15.00 30.87 10.79
CA GLU B 403 15.34 31.82 11.84
C GLU B 403 14.31 31.78 12.96
N ALA B 404 13.05 31.69 12.56
CA ALA B 404 11.94 31.71 13.48
C ALA B 404 11.91 30.44 14.31
N VAL B 405 12.37 29.31 13.77
CA VAL B 405 12.50 28.14 14.63
C VAL B 405 13.72 28.28 15.56
N VAL B 406 14.80 28.91 15.07
CA VAL B 406 15.94 29.24 15.91
C VAL B 406 15.46 30.04 17.11
N GLU B 407 14.60 31.05 16.86
CA GLU B 407 13.98 31.86 17.91
C GLU B 407 13.38 30.97 18.97
N ASN B 408 12.46 30.09 18.56
CA ASN B 408 11.77 29.19 19.47
C ASN B 408 12.65 28.17 20.25
N LEU B 409 13.75 27.68 19.65
CA LEU B 409 14.68 26.77 20.35
C LEU B 409 15.37 27.42 21.57
N GLN B 410 16.11 28.50 21.30
CA GLN B 410 16.81 29.26 22.34
C GLN B 410 15.86 29.64 23.49
N SER B 411 14.55 29.64 23.20
CA SER B 411 13.48 29.96 24.17
C SER B 411 12.98 28.79 25.04
N LEU B 412 13.91 28.00 25.60
CA LEU B 412 13.57 27.02 26.65
C LEU B 412 13.84 27.60 28.06
#